data_1HSJ
#
_entry.id   1HSJ
#
_cell.length_a   64.739
_cell.length_b   70.639
_cell.length_c   75.473
_cell.angle_alpha   65.72
_cell.angle_beta   67.18
_cell.angle_gamma   69.58
#
_symmetry.space_group_name_H-M   'P 1'
#
loop_
_entity.id
_entity.type
_entity.pdbx_description
1 polymer 'FUSION PROTEIN CONSISTING OF STAPHYLOCOCCUS ACCESSORY REGULATOR PROTEIN R AND MALTOSE BINDING PROTEIN'
2 non-polymer alpha-D-glucopyranose
#
_entity_poly.entity_id   1
_entity_poly.type   'polypeptide(L)'
_entity_poly.pdbx_seq_one_letter_code
;KIEEGKLVIWINGDKGYNGLAEVGKKFEKDTGIKVTVEHPDKLEEKFPQVAATGDGPDIIFWAHDRFGGYAQSGLLAEIT
PDKAFQDKLYPFTWDAVRYNGKLIAYPIAVEALSLIYNKDLLPNPPKTWEEIPALDKELKAKGKSALMFNLQEPYFTWPL
IAADGGYAFKYENGKYDIKDVGVDNAGAKAGLTFLVDLIKNKHMNADTDYSIAEAAFNKGETAMTINGPWAWSNIDTSKV
NYGVTVLPTFKGQPSKPFVGVLSAGINAASPNKELAKEFLENYLLTDEGLEAVNKDKPLGAVALKSYEEELAKDPRIAAT
MENAQKGEIMPNIPQMSAFWYAVRTAVINAASGRQTVDEALAAAQTNAAAEFMSKINDINDLVNATFQVKKFFRDTKKKF
NLNYEEIYILNHILRSESNEISSKEIAKCSEFKPYYLTKALQKLKDLKLLSKKRSLQDERTVIVYVTDTQKANIQKLISE
LEEYIKN
;
_entity_poly.pdbx_strand_id   A,B
#
loop_
_chem_comp.id
_chem_comp.type
_chem_comp.name
_chem_comp.formula
GLC D-saccharide, alpha linking alpha-D-glucopyranose 'C6 H12 O6'
#
# COMPACT_ATOMS: atom_id res chain seq x y z
N LYS A 1 11.68 -3.74 13.81
CA LYS A 1 11.96 -2.96 15.05
C LYS A 1 10.66 -2.48 15.68
N ILE A 2 10.15 -3.26 16.64
CA ILE A 2 8.90 -2.94 17.33
C ILE A 2 9.16 -2.16 18.60
N GLU A 3 10.40 -2.18 19.06
CA GLU A 3 10.78 -1.44 20.26
C GLU A 3 10.09 -1.95 21.52
N GLU A 4 10.86 -2.66 22.34
CA GLU A 4 10.38 -3.22 23.58
C GLU A 4 10.04 -2.15 24.60
N GLY A 5 9.39 -2.54 25.69
CA GLY A 5 9.05 -1.59 26.75
C GLY A 5 7.79 -0.76 26.57
N LYS A 6 7.14 -0.84 25.41
CA LYS A 6 5.94 -0.05 25.22
C LYS A 6 4.96 -0.72 24.29
N LEU A 7 3.75 -0.17 24.26
CA LEU A 7 2.72 -0.70 23.39
C LEU A 7 2.35 0.34 22.33
N VAL A 8 2.17 -0.13 21.12
CA VAL A 8 1.75 0.68 19.99
C VAL A 8 0.52 -0.04 19.48
N ILE A 9 -0.59 0.67 19.43
CA ILE A 9 -1.82 0.07 19.01
C ILE A 9 -2.36 0.66 17.73
N TRP A 10 -2.92 -0.20 16.91
CA TRP A 10 -3.48 0.23 15.66
C TRP A 10 -4.94 -0.07 15.73
N ILE A 11 -5.76 0.98 15.66
CA ILE A 11 -7.19 0.80 15.71
C ILE A 11 -7.74 1.66 14.60
N ASN A 12 -8.86 1.25 14.00
CA ASN A 12 -9.45 2.01 12.90
C ASN A 12 -9.95 3.41 13.27
N GLY A 13 -9.81 4.34 12.33
CA GLY A 13 -10.18 5.73 12.54
C GLY A 13 -11.57 6.12 13.01
N ASP A 14 -12.59 5.33 12.68
CA ASP A 14 -13.97 5.62 13.10
C ASP A 14 -14.31 5.02 14.47
N LYS A 15 -13.30 4.78 15.31
CA LYS A 15 -13.52 4.18 16.62
C LYS A 15 -12.88 4.86 17.83
N GLY A 16 -13.34 4.44 18.99
CA GLY A 16 -12.89 5.01 20.24
C GLY A 16 -11.41 5.08 20.54
N TYR A 17 -10.58 5.50 19.59
CA TYR A 17 -9.16 5.55 19.90
C TYR A 17 -8.80 6.48 21.06
N ASN A 18 -9.55 7.57 21.22
CA ASN A 18 -9.26 8.47 22.34
C ASN A 18 -9.65 7.68 23.59
N GLY A 19 -10.80 7.00 23.53
CA GLY A 19 -11.29 6.21 24.64
C GLY A 19 -10.32 5.09 24.99
N LEU A 20 -9.81 4.43 23.96
CA LEU A 20 -8.83 3.35 24.15
C LEU A 20 -7.57 3.94 24.76
N ALA A 21 -7.25 5.15 24.34
CA ALA A 21 -6.08 5.87 24.83
C ALA A 21 -6.19 6.10 26.35
N GLU A 22 -7.43 6.26 26.81
CA GLU A 22 -7.69 6.47 28.23
C GLU A 22 -7.33 5.17 28.95
N VAL A 23 -7.72 4.05 28.34
CA VAL A 23 -7.41 2.73 28.88
C VAL A 23 -5.88 2.64 28.90
N GLY A 24 -5.25 3.02 27.79
CA GLY A 24 -3.80 2.98 27.71
C GLY A 24 -3.11 3.77 28.79
N LYS A 25 -3.73 4.86 29.23
CA LYS A 25 -3.10 5.68 30.27
C LYS A 25 -3.29 5.08 31.65
N LYS A 26 -4.46 4.50 31.90
CA LYS A 26 -4.68 3.87 33.20
C LYS A 26 -3.64 2.76 33.30
N PHE A 27 -3.35 2.14 32.17
CA PHE A 27 -2.37 1.07 32.12
C PHE A 27 -1.03 1.67 32.51
N GLU A 28 -0.60 2.69 31.77
CA GLU A 28 0.66 3.35 32.05
C GLU A 28 0.77 3.75 33.52
N LYS A 29 -0.34 4.26 34.07
CA LYS A 29 -0.35 4.67 35.47
C LYS A 29 0.04 3.52 36.39
N ASP A 30 -0.65 2.39 36.26
CA ASP A 30 -0.38 1.23 37.09
C ASP A 30 0.90 0.55 36.71
N THR A 31 1.04 0.25 35.42
CA THR A 31 2.22 -0.45 34.91
C THR A 31 3.51 0.33 34.90
N GLY A 32 3.46 1.49 34.24
CA GLY A 32 4.64 2.29 34.13
C GLY A 32 5.04 2.26 32.68
N ILE A 33 4.43 1.37 31.89
CA ILE A 33 4.78 1.33 30.48
C ILE A 33 3.76 2.12 29.68
N LYS A 34 4.25 2.89 28.71
CA LYS A 34 3.40 3.73 27.90
C LYS A 34 2.75 2.96 26.76
N VAL A 35 1.60 3.46 26.33
CA VAL A 35 0.81 2.86 25.26
C VAL A 35 0.37 3.99 24.35
N THR A 36 0.59 3.86 23.05
CA THR A 36 0.19 4.92 22.15
C THR A 36 -0.68 4.36 21.06
N VAL A 37 -1.88 4.89 20.95
CA VAL A 37 -2.83 4.43 19.97
C VAL A 37 -2.65 5.24 18.70
N GLU A 38 -2.91 4.59 17.56
CA GLU A 38 -2.78 5.24 16.28
C GLU A 38 -3.80 4.66 15.33
N HIS A 39 -4.29 5.49 14.42
CA HIS A 39 -5.27 5.01 13.47
C HIS A 39 -4.80 5.17 12.04
N PRO A 40 -3.70 4.47 11.69
CA PRO A 40 -3.19 4.57 10.31
C PRO A 40 -4.37 4.49 9.35
N ASP A 41 -4.17 4.93 8.13
CA ASP A 41 -5.27 4.86 7.18
C ASP A 41 -5.08 3.58 6.38
N LYS A 42 -6.09 2.72 6.42
CA LYS A 42 -6.04 1.43 5.75
C LYS A 42 -5.09 0.53 6.51
N LEU A 43 -5.29 0.44 7.83
CA LEU A 43 -4.41 -0.39 8.62
C LEU A 43 -4.61 -1.87 8.31
N GLU A 44 -5.77 -2.23 7.79
CA GLU A 44 -6.05 -3.63 7.46
C GLU A 44 -5.16 -4.18 6.34
N GLU A 45 -4.75 -3.30 5.43
CA GLU A 45 -3.89 -3.69 4.32
C GLU A 45 -2.44 -3.37 4.68
N LYS A 46 -2.25 -2.25 5.36
CA LYS A 46 -0.94 -1.79 5.78
C LYS A 46 -0.33 -2.72 6.83
N PHE A 47 -1.17 -3.31 7.66
CA PHE A 47 -0.68 -4.21 8.69
C PHE A 47 0.11 -5.38 8.12
N PRO A 48 -0.51 -6.19 7.24
CA PRO A 48 0.20 -7.34 6.66
C PRO A 48 1.51 -6.98 5.96
N GLN A 49 1.57 -5.74 5.43
CA GLN A 49 2.78 -5.26 4.75
C GLN A 49 3.89 -5.02 5.77
N VAL A 50 3.68 -4.03 6.64
CA VAL A 50 4.68 -3.69 7.65
C VAL A 50 4.90 -4.83 8.66
N ALA A 51 3.86 -5.61 8.89
CA ALA A 51 3.95 -6.72 9.85
C ALA A 51 4.72 -7.92 9.27
N ALA A 52 4.72 -8.04 7.94
CA ALA A 52 5.44 -9.12 7.28
C ALA A 52 6.92 -8.81 7.44
N THR A 53 7.22 -7.51 7.42
CA THR A 53 8.57 -6.98 7.58
C THR A 53 9.08 -7.23 8.99
N GLY A 54 8.16 -7.53 9.90
CA GLY A 54 8.57 -7.76 11.27
C GLY A 54 8.42 -6.47 12.06
N ASP A 55 7.69 -5.51 11.48
CA ASP A 55 7.43 -4.23 12.13
C ASP A 55 5.93 -4.11 12.31
N GLY A 56 5.46 -2.90 12.56
CA GLY A 56 4.03 -2.71 12.76
C GLY A 56 3.70 -2.49 14.22
N PRO A 57 2.39 -2.49 14.57
CA PRO A 57 1.88 -2.28 15.93
C PRO A 57 2.11 -3.49 16.79
N ASP A 58 2.00 -3.31 18.12
CA ASP A 58 2.13 -4.45 19.01
C ASP A 58 0.77 -5.15 18.94
N ILE A 59 -0.28 -4.32 18.87
CA ILE A 59 -1.65 -4.81 18.82
C ILE A 59 -2.41 -4.17 17.67
N ILE A 60 -3.13 -5.00 16.93
CA ILE A 60 -3.92 -4.50 15.82
C ILE A 60 -5.41 -4.76 16.11
N PHE A 61 -6.25 -3.75 15.88
CA PHE A 61 -7.67 -3.89 16.10
C PHE A 61 -8.41 -3.91 14.79
N TRP A 62 -9.26 -4.91 14.63
CA TRP A 62 -10.05 -4.99 13.40
C TRP A 62 -11.10 -6.09 13.47
N ALA A 63 -12.00 -6.13 12.50
CA ALA A 63 -13.01 -7.16 12.46
C ALA A 63 -12.29 -8.50 12.31
N HIS A 64 -12.74 -9.49 13.06
CA HIS A 64 -12.15 -10.82 13.03
C HIS A 64 -12.00 -11.42 11.62
N ASP A 65 -12.67 -10.89 10.60
CA ASP A 65 -12.56 -11.50 9.28
C ASP A 65 -11.19 -11.42 8.60
N ARG A 66 -10.34 -10.50 9.05
CA ARG A 66 -9.00 -10.34 8.47
C ARG A 66 -7.98 -11.25 9.13
N PHE A 67 -8.17 -11.48 10.42
CA PHE A 67 -7.25 -12.28 11.20
C PHE A 67 -6.94 -13.69 10.74
N GLY A 68 -7.81 -14.29 9.94
CA GLY A 68 -7.53 -15.63 9.46
C GLY A 68 -6.31 -15.60 8.56
N GLY A 69 -6.30 -14.66 7.63
CA GLY A 69 -5.18 -14.51 6.72
C GLY A 69 -3.96 -13.95 7.41
N TYR A 70 -4.12 -13.24 8.51
CA TYR A 70 -2.97 -12.70 9.22
C TYR A 70 -2.26 -13.85 9.89
N ALA A 71 -3.01 -14.60 10.70
CA ALA A 71 -2.47 -15.75 11.42
C ALA A 71 -1.80 -16.70 10.44
N GLN A 72 -2.44 -16.85 9.29
CA GLN A 72 -1.99 -17.70 8.19
C GLN A 72 -0.56 -17.34 7.83
N SER A 73 -0.36 -16.07 7.49
CA SER A 73 0.94 -15.52 7.12
C SER A 73 1.92 -15.63 8.29
N GLY A 74 1.39 -15.72 9.51
CA GLY A 74 2.20 -15.83 10.70
C GLY A 74 2.38 -14.51 11.39
N LEU A 75 1.59 -13.53 10.99
CA LEU A 75 1.64 -12.19 11.57
C LEU A 75 1.10 -12.08 13.00
N LEU A 76 0.25 -13.02 13.38
CA LEU A 76 -0.37 -12.99 14.70
C LEU A 76 0.13 -14.02 15.71
N ALA A 77 0.28 -13.54 16.95
CA ALA A 77 0.74 -14.36 18.08
C ALA A 77 -0.44 -15.17 18.57
N GLU A 78 -0.19 -16.34 19.14
CA GLU A 78 -1.29 -17.14 19.66
C GLU A 78 -1.61 -16.75 21.08
N ILE A 79 -2.86 -16.35 21.29
CA ILE A 79 -3.28 -15.94 22.62
C ILE A 79 -3.77 -17.18 23.38
N THR A 80 -3.39 -17.24 24.66
CA THR A 80 -3.68 -18.37 25.54
C THR A 80 -4.31 -17.96 26.87
N PRO A 81 -5.52 -17.36 26.82
CA PRO A 81 -6.15 -16.96 28.08
C PRO A 81 -6.65 -18.21 28.83
N ASP A 82 -6.57 -18.23 30.17
CA ASP A 82 -7.05 -19.40 30.90
C ASP A 82 -8.56 -19.52 30.75
N LYS A 83 -9.11 -20.68 31.15
CA LYS A 83 -10.54 -20.94 31.01
C LYS A 83 -11.41 -19.95 31.78
N ALA A 84 -11.04 -19.67 33.04
CA ALA A 84 -11.79 -18.71 33.87
C ALA A 84 -11.99 -17.41 33.13
N PHE A 85 -10.92 -16.90 32.56
CA PHE A 85 -11.01 -15.67 31.82
C PHE A 85 -11.94 -15.79 30.60
N GLN A 86 -11.71 -16.80 29.79
CA GLN A 86 -12.55 -17.00 28.63
C GLN A 86 -14.03 -16.96 28.99
N ASP A 87 -14.34 -17.34 30.23
CA ASP A 87 -15.72 -17.35 30.69
C ASP A 87 -16.35 -15.96 30.76
N LYS A 88 -15.52 -14.92 30.91
CA LYS A 88 -16.03 -13.55 30.95
C LYS A 88 -16.55 -13.08 29.61
N LEU A 89 -16.37 -13.87 28.57
CA LEU A 89 -16.80 -13.49 27.23
C LEU A 89 -17.69 -14.53 26.60
N TYR A 90 -18.52 -14.07 25.68
CA TYR A 90 -19.47 -14.94 25.02
C TYR A 90 -18.80 -15.94 24.12
N PRO A 91 -18.98 -17.22 24.43
CA PRO A 91 -18.43 -18.33 23.68
C PRO A 91 -18.36 -18.12 22.16
N PHE A 92 -19.34 -17.43 21.58
CA PHE A 92 -19.31 -17.26 20.14
C PHE A 92 -18.30 -16.25 19.61
N THR A 93 -17.82 -15.39 20.51
CA THR A 93 -16.87 -14.37 20.11
C THR A 93 -15.49 -14.97 20.05
N TRP A 94 -15.23 -15.96 20.91
CA TRP A 94 -13.94 -16.64 20.90
C TRP A 94 -13.93 -17.46 19.62
N ASP A 95 -15.08 -18.01 19.28
CA ASP A 95 -15.20 -18.82 18.09
C ASP A 95 -14.76 -18.05 16.85
N ALA A 96 -15.02 -16.75 16.84
CA ALA A 96 -14.68 -15.93 15.68
C ALA A 96 -13.21 -15.66 15.59
N VAL A 97 -12.53 -15.74 16.73
CA VAL A 97 -11.10 -15.49 16.81
C VAL A 97 -10.31 -16.78 16.94
N ARG A 98 -10.97 -17.88 16.61
CA ARG A 98 -10.33 -19.19 16.65
C ARG A 98 -10.07 -19.59 15.21
N TYR A 99 -8.82 -19.90 14.92
CA TYR A 99 -8.41 -20.28 13.56
C TYR A 99 -7.47 -21.49 13.60
N ASN A 100 -7.91 -22.58 13.00
CA ASN A 100 -7.13 -23.80 13.01
C ASN A 100 -6.79 -24.20 14.44
N GLY A 101 -7.84 -24.30 15.26
CA GLY A 101 -7.74 -24.70 16.67
C GLY A 101 -7.08 -23.73 17.64
N LYS A 102 -6.59 -22.58 17.15
CA LYS A 102 -5.92 -21.65 18.04
C LYS A 102 -6.62 -20.32 18.15
N LEU A 103 -6.40 -19.65 19.28
CA LEU A 103 -6.99 -18.35 19.50
C LEU A 103 -5.97 -17.30 19.05
N ILE A 104 -6.30 -16.62 17.95
CA ILE A 104 -5.43 -15.59 17.37
C ILE A 104 -5.59 -14.12 17.84
N ALA A 105 -6.75 -13.77 18.39
CA ALA A 105 -7.00 -12.42 18.87
C ALA A 105 -8.00 -12.45 19.98
N TYR A 106 -8.11 -11.35 20.70
CA TYR A 106 -9.08 -11.22 21.77
C TYR A 106 -10.32 -10.61 21.15
N PRO A 107 -11.52 -11.11 21.50
CA PRO A 107 -12.72 -10.53 20.90
C PRO A 107 -13.07 -9.29 21.74
N ILE A 108 -13.51 -8.21 21.09
CA ILE A 108 -13.82 -7.02 21.84
C ILE A 108 -15.30 -6.62 21.80
N ALA A 109 -15.89 -6.53 20.61
CA ALA A 109 -17.28 -6.14 20.54
C ALA A 109 -17.88 -6.60 19.24
N VAL A 110 -19.13 -7.02 19.28
CA VAL A 110 -19.78 -7.47 18.06
C VAL A 110 -20.31 -6.28 17.31
N GLU A 111 -20.24 -6.33 15.99
CA GLU A 111 -20.70 -5.23 15.16
C GLU A 111 -21.62 -5.69 14.07
N ALA A 112 -22.66 -4.91 13.82
CA ALA A 112 -23.60 -5.21 12.75
C ALA A 112 -24.17 -3.89 12.26
N LEU A 113 -24.41 -3.79 10.95
CA LEU A 113 -24.97 -2.58 10.38
C LEU A 113 -26.44 -2.49 10.77
N SER A 114 -26.82 -1.37 11.36
CA SER A 114 -28.21 -1.16 11.76
C SER A 114 -28.80 -0.22 10.71
N LEU A 115 -30.07 0.12 10.85
CA LEU A 115 -30.69 1.07 9.94
C LEU A 115 -31.03 2.30 10.76
N ILE A 116 -30.46 3.42 10.38
CA ILE A 116 -30.68 4.65 11.11
C ILE A 116 -31.44 5.65 10.25
N TYR A 117 -32.47 6.26 10.84
CA TYR A 117 -33.30 7.23 10.14
C TYR A 117 -33.52 8.49 11.00
N ASN A 118 -34.06 9.53 10.36
CA ASN A 118 -34.34 10.80 11.03
C ASN A 118 -35.82 10.85 11.38
N LYS A 119 -36.15 10.63 12.66
CA LYS A 119 -37.54 10.61 13.11
C LYS A 119 -38.28 11.94 12.89
N ASP A 120 -37.54 13.05 12.88
CA ASP A 120 -38.16 14.35 12.65
C ASP A 120 -38.48 14.47 11.15
N LEU A 121 -37.87 13.61 10.35
CA LEU A 121 -38.06 13.63 8.91
C LEU A 121 -38.72 12.34 8.43
N LEU A 122 -39.19 11.55 9.39
CA LEU A 122 -39.87 10.29 9.13
C LEU A 122 -39.92 9.48 10.41
N PRO A 123 -40.92 9.73 11.27
CA PRO A 123 -41.07 9.01 12.54
C PRO A 123 -41.38 7.52 12.30
N ASN A 124 -41.60 7.18 11.04
CA ASN A 124 -41.90 5.81 10.65
C ASN A 124 -41.03 5.32 9.48
N PRO A 125 -39.96 4.58 9.79
CA PRO A 125 -39.02 4.03 8.82
C PRO A 125 -39.63 2.87 8.03
N PRO A 126 -39.42 2.87 6.70
CA PRO A 126 -39.97 1.79 5.87
C PRO A 126 -39.43 0.46 6.37
N LYS A 127 -40.17 -0.61 6.16
CA LYS A 127 -39.66 -1.88 6.62
C LYS A 127 -39.26 -2.78 5.48
N THR A 128 -39.18 -2.20 4.28
CA THR A 128 -38.76 -2.95 3.10
C THR A 128 -38.02 -2.05 2.12
N TRP A 129 -37.29 -2.69 1.21
CA TRP A 129 -36.51 -1.99 0.20
C TRP A 129 -37.32 -1.60 -1.03
N GLU A 130 -38.39 -2.33 -1.30
CA GLU A 130 -39.24 -2.04 -2.46
C GLU A 130 -40.09 -0.79 -2.20
N GLU A 131 -40.50 -0.61 -0.95
CA GLU A 131 -41.30 0.54 -0.56
C GLU A 131 -40.39 1.73 -0.26
N ILE A 132 -39.37 1.92 -1.09
CA ILE A 132 -38.43 3.01 -0.87
C ILE A 132 -38.24 3.85 -2.12
N PRO A 133 -38.10 3.21 -3.30
CA PRO A 133 -37.92 4.02 -4.51
C PRO A 133 -38.98 5.12 -4.50
N ALA A 134 -40.14 4.77 -3.96
CA ALA A 134 -41.28 5.68 -3.85
C ALA A 134 -41.04 6.72 -2.75
N LEU A 135 -40.70 6.25 -1.55
CA LEU A 135 -40.45 7.15 -0.45
C LEU A 135 -39.35 8.16 -0.77
N ASP A 136 -38.67 7.96 -1.90
CA ASP A 136 -37.62 8.89 -2.29
C ASP A 136 -38.21 10.10 -2.98
N LYS A 137 -39.14 9.89 -3.92
CA LYS A 137 -39.76 10.99 -4.64
C LYS A 137 -40.68 11.83 -3.74
N GLU A 138 -41.09 11.25 -2.62
CA GLU A 138 -41.97 11.93 -1.67
C GLU A 138 -41.16 12.86 -0.77
N LEU A 139 -39.90 12.49 -0.52
CA LEU A 139 -39.01 13.29 0.32
C LEU A 139 -38.09 14.10 -0.58
N LYS A 140 -37.96 13.65 -1.83
CA LYS A 140 -37.15 14.32 -2.84
C LYS A 140 -38.01 15.53 -3.20
N ALA A 141 -39.30 15.39 -2.88
CA ALA A 141 -40.28 16.43 -3.11
C ALA A 141 -39.98 17.62 -2.23
N LYS A 142 -40.07 17.43 -0.91
CA LYS A 142 -39.81 18.54 0.02
C LYS A 142 -38.31 18.86 0.12
N GLY A 143 -37.61 18.70 -1.01
CA GLY A 143 -36.20 19.00 -1.10
C GLY A 143 -35.25 18.15 -0.26
N LYS A 144 -35.42 16.83 -0.31
CA LYS A 144 -34.57 15.93 0.46
C LYS A 144 -34.24 14.66 -0.34
N SER A 145 -33.73 13.65 0.36
CA SER A 145 -33.37 12.37 -0.26
C SER A 145 -33.79 11.29 0.72
N ALA A 146 -34.29 10.18 0.21
CA ALA A 146 -34.72 9.06 1.05
C ALA A 146 -33.56 8.39 1.79
N LEU A 147 -32.66 7.77 1.02
CA LEU A 147 -31.52 7.09 1.60
C LEU A 147 -30.18 7.62 1.13
N MET A 148 -29.18 7.45 1.99
CA MET A 148 -27.82 7.88 1.73
C MET A 148 -26.88 7.10 2.65
N PHE A 149 -26.20 6.10 2.11
CA PHE A 149 -25.25 5.32 2.91
C PHE A 149 -24.02 5.08 2.01
N ASN A 150 -22.94 4.55 2.58
CA ASN A 150 -21.72 4.30 1.83
C ASN A 150 -21.89 3.25 0.71
N LEU A 151 -21.66 3.65 -0.53
CA LEU A 151 -21.77 2.74 -1.67
C LEU A 151 -20.40 2.34 -2.20
N GLN A 152 -19.37 2.74 -1.48
CA GLN A 152 -18.01 2.43 -1.89
C GLN A 152 -17.49 1.10 -1.31
N GLU A 153 -17.74 0.89 -0.02
CA GLU A 153 -17.33 -0.32 0.68
C GLU A 153 -18.43 -1.38 0.66
N PRO A 154 -18.16 -2.56 0.09
CA PRO A 154 -19.12 -3.66 0.00
C PRO A 154 -19.68 -4.19 1.33
N TYR A 155 -19.22 -3.62 2.44
CA TYR A 155 -19.70 -4.05 3.75
C TYR A 155 -21.11 -3.52 3.92
N PHE A 156 -21.41 -2.40 3.27
CA PHE A 156 -22.72 -1.80 3.38
C PHE A 156 -23.73 -2.33 2.37
N THR A 157 -23.27 -2.63 1.17
CA THR A 157 -24.19 -3.14 0.17
C THR A 157 -24.34 -4.65 0.22
N TRP A 158 -23.57 -5.31 1.08
CA TRP A 158 -23.68 -6.75 1.17
C TRP A 158 -25.01 -7.18 1.75
N PRO A 159 -25.40 -6.57 2.89
CA PRO A 159 -26.67 -6.94 3.49
C PRO A 159 -27.78 -7.13 2.45
N LEU A 160 -27.85 -6.20 1.49
CA LEU A 160 -28.87 -6.29 0.45
C LEU A 160 -28.65 -7.46 -0.49
N ILE A 161 -27.40 -7.67 -0.89
CA ILE A 161 -27.06 -8.77 -1.79
C ILE A 161 -27.21 -10.11 -1.08
N ALA A 162 -26.95 -10.10 0.22
CA ALA A 162 -27.04 -11.29 1.05
C ALA A 162 -28.50 -11.69 1.28
N ALA A 163 -29.26 -10.74 1.84
CA ALA A 163 -30.67 -10.91 2.16
C ALA A 163 -31.39 -12.00 1.36
N ASP A 164 -31.37 -11.86 0.04
CA ASP A 164 -32.05 -12.81 -0.81
C ASP A 164 -31.23 -13.99 -1.33
N GLY A 165 -30.28 -14.47 -0.54
CA GLY A 165 -29.51 -15.62 -0.99
C GLY A 165 -28.07 -15.39 -1.42
N GLY A 166 -27.55 -14.19 -1.16
CA GLY A 166 -26.18 -13.95 -1.51
C GLY A 166 -25.38 -14.50 -0.34
N TYR A 167 -24.24 -15.13 -0.64
CA TYR A 167 -23.39 -15.66 0.41
C TYR A 167 -21.92 -15.69 0.01
N ALA A 168 -21.06 -15.58 1.01
CA ALA A 168 -19.62 -15.61 0.76
C ALA A 168 -19.27 -17.01 0.21
N PHE A 169 -18.76 -17.86 1.08
CA PHE A 169 -18.37 -19.23 0.72
C PHE A 169 -19.33 -20.17 1.42
N LYS A 170 -19.96 -21.06 0.66
CA LYS A 170 -20.92 -22.01 1.22
C LYS A 170 -20.38 -22.66 2.49
N TYR A 171 -21.28 -22.78 3.46
CA TYR A 171 -20.90 -23.39 4.74
C TYR A 171 -21.79 -24.60 5.01
N GLU A 172 -21.25 -25.59 5.72
CA GLU A 172 -22.00 -26.80 6.04
C GLU A 172 -21.55 -27.57 7.30
N ASN A 173 -20.63 -28.52 7.11
CA ASN A 173 -20.13 -29.35 8.21
C ASN A 173 -19.02 -28.70 9.02
N GLY A 174 -19.16 -27.40 9.30
CA GLY A 174 -18.15 -26.70 10.08
C GLY A 174 -17.00 -26.15 9.27
N LYS A 175 -17.05 -26.38 7.96
CA LYS A 175 -16.00 -25.92 7.06
C LYS A 175 -16.58 -25.04 5.96
N TYR A 176 -15.74 -24.24 5.32
CA TYR A 176 -16.18 -23.39 4.22
C TYR A 176 -15.63 -23.95 2.91
N ASP A 177 -16.51 -24.13 1.93
CA ASP A 177 -16.08 -24.64 0.64
C ASP A 177 -15.71 -23.43 -0.20
N ILE A 178 -14.46 -23.00 -0.08
CA ILE A 178 -13.98 -21.83 -0.81
C ILE A 178 -14.19 -21.92 -2.31
N LYS A 179 -14.58 -23.10 -2.77
CA LYS A 179 -14.83 -23.30 -4.19
C LYS A 179 -16.27 -22.89 -4.49
N ASP A 180 -17.14 -23.07 -3.50
CA ASP A 180 -18.54 -22.73 -3.65
C ASP A 180 -18.76 -21.28 -3.29
N VAL A 181 -18.78 -20.43 -4.31
CA VAL A 181 -18.95 -19.01 -4.09
C VAL A 181 -20.34 -18.52 -4.49
N GLY A 182 -21.08 -18.00 -3.52
CA GLY A 182 -22.42 -17.54 -3.79
C GLY A 182 -22.55 -16.05 -3.92
N VAL A 183 -22.14 -15.52 -5.07
CA VAL A 183 -22.22 -14.08 -5.31
C VAL A 183 -22.74 -13.87 -6.72
N ASP A 184 -22.86 -14.97 -7.47
CA ASP A 184 -23.34 -14.90 -8.83
C ASP A 184 -24.62 -15.72 -8.95
N ASN A 185 -25.29 -15.93 -7.82
CA ASN A 185 -26.53 -16.68 -7.85
C ASN A 185 -27.67 -15.72 -8.11
N ALA A 186 -28.89 -16.24 -8.08
CA ALA A 186 -30.07 -15.44 -8.31
C ALA A 186 -30.25 -14.40 -7.21
N GLY A 187 -30.17 -14.85 -5.96
CA GLY A 187 -30.34 -13.95 -4.83
C GLY A 187 -29.36 -12.80 -4.82
N ALA A 188 -28.13 -13.09 -5.23
CA ALA A 188 -27.07 -12.08 -5.28
C ALA A 188 -27.40 -11.08 -6.38
N LYS A 189 -27.54 -11.57 -7.61
CA LYS A 189 -27.85 -10.71 -8.74
C LYS A 189 -29.02 -9.79 -8.39
N ALA A 190 -30.06 -10.37 -7.79
CA ALA A 190 -31.27 -9.65 -7.40
C ALA A 190 -30.98 -8.36 -6.63
N GLY A 191 -30.49 -8.51 -5.40
CA GLY A 191 -30.20 -7.36 -4.55
C GLY A 191 -29.29 -6.31 -5.16
N LEU A 192 -28.33 -6.75 -5.96
CA LEU A 192 -27.40 -5.82 -6.59
C LEU A 192 -28.14 -5.03 -7.65
N THR A 193 -28.83 -5.76 -8.53
CA THR A 193 -29.60 -5.15 -9.60
C THR A 193 -30.51 -4.08 -8.99
N PHE A 194 -31.05 -4.37 -7.82
CA PHE A 194 -31.92 -3.41 -7.18
C PHE A 194 -31.09 -2.17 -6.85
N LEU A 195 -29.98 -2.37 -6.13
CA LEU A 195 -29.11 -1.23 -5.78
C LEU A 195 -28.75 -0.44 -7.03
N VAL A 196 -28.33 -1.16 -8.07
CA VAL A 196 -27.97 -0.56 -9.34
C VAL A 196 -29.08 0.40 -9.76
N ASP A 197 -30.28 -0.14 -9.96
CA ASP A 197 -31.43 0.64 -10.38
C ASP A 197 -31.79 1.80 -9.46
N LEU A 198 -31.70 1.60 -8.14
CA LEU A 198 -32.01 2.69 -7.22
C LEU A 198 -31.23 3.91 -7.65
N ILE A 199 -30.08 3.67 -8.28
CA ILE A 199 -29.24 4.75 -8.76
C ILE A 199 -29.76 5.23 -10.11
N LYS A 200 -29.92 4.32 -11.06
CA LYS A 200 -30.43 4.67 -12.40
C LYS A 200 -31.63 5.61 -12.30
N ASN A 201 -32.51 5.32 -11.34
CA ASN A 201 -33.71 6.12 -11.13
C ASN A 201 -33.43 7.31 -10.22
N LYS A 202 -32.23 7.87 -10.36
CA LYS A 202 -31.78 9.03 -9.59
C LYS A 202 -32.33 9.10 -8.16
N HIS A 203 -32.12 8.05 -7.39
CA HIS A 203 -32.57 8.02 -6.00
C HIS A 203 -31.35 8.25 -5.10
N MET A 204 -30.22 7.76 -5.59
CA MET A 204 -28.92 7.92 -4.92
C MET A 204 -27.84 7.67 -5.98
N ASN A 205 -26.73 8.41 -5.88
CA ASN A 205 -25.64 8.31 -6.86
C ASN A 205 -24.51 7.35 -6.50
N ALA A 206 -23.93 6.74 -7.54
CA ALA A 206 -22.84 5.77 -7.37
C ALA A 206 -21.63 6.26 -6.59
N ASP A 207 -21.49 7.56 -6.40
CA ASP A 207 -20.33 8.04 -5.67
C ASP A 207 -20.55 8.42 -4.20
N THR A 208 -21.72 8.08 -3.66
CA THR A 208 -21.97 8.38 -2.24
C THR A 208 -20.85 7.66 -1.47
N ASP A 209 -20.55 8.10 -0.26
CA ASP A 209 -19.51 7.44 0.52
C ASP A 209 -19.75 7.70 1.99
N TYR A 210 -18.99 7.06 2.87
CA TYR A 210 -19.19 7.24 4.30
C TYR A 210 -19.27 8.72 4.67
N SER A 211 -18.24 9.48 4.31
CA SER A 211 -18.20 10.91 4.59
C SER A 211 -19.46 11.63 4.11
N ILE A 212 -19.73 11.53 2.80
CA ILE A 212 -20.91 12.17 2.19
C ILE A 212 -22.20 11.81 2.93
N ALA A 213 -22.52 10.52 2.94
CA ALA A 213 -23.73 10.02 3.59
C ALA A 213 -23.85 10.42 5.05
N GLU A 214 -22.74 10.38 5.78
CA GLU A 214 -22.80 10.73 7.19
C GLU A 214 -23.28 12.17 7.43
N ALA A 215 -22.70 13.11 6.69
CA ALA A 215 -23.09 14.51 6.83
C ALA A 215 -24.53 14.61 6.33
N ALA A 216 -24.76 14.14 5.10
CA ALA A 216 -26.09 14.18 4.49
C ALA A 216 -27.18 13.82 5.48
N PHE A 217 -26.89 12.88 6.37
CA PHE A 217 -27.86 12.44 7.36
C PHE A 217 -27.88 13.33 8.60
N ASN A 218 -26.69 13.61 9.13
CA ASN A 218 -26.55 14.44 10.33
C ASN A 218 -26.98 15.89 10.08
N LYS A 219 -26.96 16.30 8.82
CA LYS A 219 -27.35 17.66 8.44
C LYS A 219 -28.79 17.68 7.93
N GLY A 220 -29.54 16.64 8.27
CA GLY A 220 -30.94 16.52 7.88
C GLY A 220 -31.24 16.36 6.40
N GLU A 221 -30.22 16.47 5.55
CA GLU A 221 -30.41 16.36 4.10
C GLU A 221 -30.98 15.00 3.64
N THR A 222 -30.80 13.95 4.45
CA THR A 222 -31.32 12.63 4.09
C THR A 222 -32.10 12.02 5.27
N ALA A 223 -33.15 11.28 4.93
CA ALA A 223 -34.04 10.65 5.91
C ALA A 223 -33.46 9.45 6.65
N MET A 224 -32.46 8.82 6.05
CA MET A 224 -31.85 7.65 6.66
C MET A 224 -30.54 7.20 6.03
N THR A 225 -29.72 6.54 6.84
CA THR A 225 -28.44 6.02 6.42
C THR A 225 -28.35 4.58 6.89
N ILE A 226 -27.29 3.90 6.49
CA ILE A 226 -27.02 2.52 6.89
C ILE A 226 -25.66 2.55 7.58
N ASN A 227 -25.64 2.28 8.88
CA ASN A 227 -24.36 2.30 9.58
C ASN A 227 -24.35 1.54 10.91
N GLY A 228 -23.22 1.60 11.60
CA GLY A 228 -23.09 0.90 12.86
C GLY A 228 -22.74 1.76 14.06
N PRO A 229 -22.77 1.19 15.27
CA PRO A 229 -22.49 1.84 16.54
C PRO A 229 -21.49 2.99 16.56
N TRP A 230 -20.36 2.83 15.89
CA TRP A 230 -19.32 3.87 15.85
C TRP A 230 -19.78 5.22 15.30
N ALA A 231 -20.85 5.19 14.49
CA ALA A 231 -21.41 6.38 13.86
C ALA A 231 -22.42 7.10 14.72
N TRP A 232 -22.87 6.46 15.78
CA TRP A 232 -23.84 7.08 16.67
C TRP A 232 -23.29 8.30 17.39
N SER A 233 -21.97 8.31 17.65
CA SER A 233 -21.33 9.43 18.34
C SER A 233 -21.60 10.76 17.65
N ASN A 234 -21.34 10.78 16.35
CA ASN A 234 -21.52 11.96 15.53
C ASN A 234 -22.97 12.38 15.51
N ILE A 235 -23.86 11.44 15.23
CA ILE A 235 -25.29 11.74 15.19
C ILE A 235 -25.76 12.26 16.55
N ASP A 236 -25.10 11.83 17.61
CA ASP A 236 -25.45 12.25 18.97
C ASP A 236 -25.26 13.74 19.22
N THR A 237 -24.07 14.24 18.91
CA THR A 237 -23.82 15.67 19.09
C THR A 237 -24.50 16.43 17.94
N SER A 238 -24.75 15.75 16.83
CA SER A 238 -25.44 16.34 15.71
C SER A 238 -26.89 16.47 16.17
N LYS A 239 -27.07 16.09 17.43
CA LYS A 239 -28.36 16.10 18.12
C LYS A 239 -29.59 16.07 17.22
N VAL A 240 -29.77 14.94 16.55
CA VAL A 240 -30.90 14.76 15.67
C VAL A 240 -31.78 13.75 16.39
N ASN A 241 -33.08 13.78 16.11
CA ASN A 241 -33.97 12.82 16.73
C ASN A 241 -33.99 11.64 15.75
N TYR A 242 -33.05 10.72 15.96
CA TYR A 242 -32.87 9.53 15.13
C TYR A 242 -33.18 8.26 15.89
N GLY A 243 -33.41 7.19 15.12
CA GLY A 243 -33.69 5.91 15.70
C GLY A 243 -32.91 4.85 14.95
N VAL A 244 -32.48 3.82 15.67
CA VAL A 244 -31.72 2.71 15.09
C VAL A 244 -32.63 1.48 15.00
N THR A 245 -32.71 0.85 13.84
CA THR A 245 -33.61 -0.29 13.73
C THR A 245 -33.29 -1.32 12.65
N VAL A 246 -34.21 -2.26 12.49
CA VAL A 246 -34.10 -3.34 11.52
C VAL A 246 -33.87 -2.86 10.11
N LEU A 247 -33.00 -3.56 9.41
CA LEU A 247 -32.72 -3.24 8.02
C LEU A 247 -33.91 -3.72 7.20
N PRO A 248 -34.39 -2.85 6.31
CA PRO A 248 -35.53 -3.16 5.44
C PRO A 248 -35.33 -4.53 4.83
N THR A 249 -36.40 -5.25 4.61
CA THR A 249 -36.26 -6.58 4.01
C THR A 249 -36.37 -6.47 2.49
N PHE A 250 -35.71 -7.38 1.79
CA PHE A 250 -35.71 -7.38 0.34
C PHE A 250 -36.37 -8.66 -0.12
N LYS A 251 -37.17 -8.55 -1.17
CA LYS A 251 -37.90 -9.69 -1.72
C LYS A 251 -38.56 -10.49 -0.59
N GLY A 252 -38.73 -9.83 0.55
CA GLY A 252 -39.34 -10.48 1.70
C GLY A 252 -38.38 -10.95 2.78
N GLN A 253 -37.14 -11.25 2.39
CA GLN A 253 -36.12 -11.73 3.33
C GLN A 253 -35.45 -10.56 4.04
N PRO A 254 -34.96 -10.78 5.28
CA PRO A 254 -34.29 -9.69 6.00
C PRO A 254 -32.92 -9.47 5.39
N SER A 255 -32.32 -8.33 5.71
CA SER A 255 -31.00 -8.02 5.21
C SER A 255 -30.00 -8.78 6.07
N LYS A 256 -29.12 -9.56 5.44
CA LYS A 256 -28.12 -10.35 6.16
C LYS A 256 -26.76 -9.62 6.22
N PRO A 257 -26.63 -8.67 7.16
CA PRO A 257 -25.38 -7.94 7.29
C PRO A 257 -24.24 -8.80 7.85
N PHE A 258 -23.12 -8.87 7.13
CA PHE A 258 -22.01 -9.64 7.65
C PHE A 258 -21.69 -9.00 8.99
N VAL A 259 -21.50 -9.84 10.00
CA VAL A 259 -21.22 -9.40 11.36
C VAL A 259 -19.74 -9.53 11.69
N GLY A 260 -19.17 -8.47 12.25
CA GLY A 260 -17.77 -8.55 12.57
C GLY A 260 -17.48 -8.40 14.04
N VAL A 261 -16.50 -9.15 14.53
CA VAL A 261 -16.14 -9.06 15.93
C VAL A 261 -14.84 -8.28 16.01
N LEU A 262 -14.95 -7.03 16.42
CA LEU A 262 -13.79 -6.19 16.60
C LEU A 262 -12.91 -6.95 17.58
N SER A 263 -11.76 -7.41 17.10
CA SER A 263 -10.83 -8.15 17.93
C SER A 263 -9.49 -7.47 17.96
N ALA A 264 -8.70 -7.80 18.97
CA ALA A 264 -7.38 -7.25 19.14
C ALA A 264 -6.37 -8.37 19.01
N GLY A 265 -5.64 -8.37 17.89
CA GLY A 265 -4.61 -9.37 17.66
C GLY A 265 -3.26 -8.81 18.08
N ILE A 266 -2.41 -9.65 18.66
CA ILE A 266 -1.08 -9.21 19.07
C ILE A 266 -0.08 -9.59 17.98
N ASN A 267 0.71 -8.62 17.49
CA ASN A 267 1.70 -8.89 16.43
C ASN A 267 2.63 -10.04 16.82
N ALA A 268 2.83 -11.01 15.91
CA ALA A 268 3.70 -12.14 16.20
C ALA A 268 5.14 -11.65 16.41
N ALA A 269 5.53 -10.61 15.69
CA ALA A 269 6.86 -10.02 15.80
C ALA A 269 7.08 -9.43 17.17
N SER A 270 6.11 -8.63 17.61
CA SER A 270 6.17 -7.94 18.91
C SER A 270 6.97 -8.59 20.02
N PRO A 271 7.69 -7.79 20.80
CA PRO A 271 8.50 -8.28 21.90
C PRO A 271 7.84 -7.95 23.23
N ASN A 272 6.62 -7.44 23.17
CA ASN A 272 5.89 -7.04 24.37
C ASN A 272 4.67 -7.90 24.71
N LYS A 273 4.54 -9.05 24.05
CA LYS A 273 3.42 -9.96 24.24
C LYS A 273 2.85 -10.08 25.64
N GLU A 274 3.66 -10.36 26.64
CA GLU A 274 3.13 -10.48 28.00
C GLU A 274 2.42 -9.21 28.41
N LEU A 275 2.92 -8.07 27.95
CA LEU A 275 2.34 -6.78 28.28
C LEU A 275 1.04 -6.54 27.55
N ALA A 276 1.00 -6.88 26.27
CA ALA A 276 -0.20 -6.70 25.46
C ALA A 276 -1.31 -7.58 26.01
N LYS A 277 -0.93 -8.81 26.37
CA LYS A 277 -1.87 -9.76 26.92
C LYS A 277 -2.44 -9.19 28.22
N GLU A 278 -1.57 -8.57 29.01
CA GLU A 278 -1.99 -7.97 30.27
C GLU A 278 -2.88 -6.75 30.07
N PHE A 279 -2.57 -5.98 29.05
CA PHE A 279 -3.33 -4.78 28.75
C PHE A 279 -4.75 -5.19 28.37
N LEU A 280 -4.86 -6.00 27.33
CA LEU A 280 -6.14 -6.47 26.84
C LEU A 280 -6.94 -7.30 27.85
N GLU A 281 -6.28 -8.19 28.57
CA GLU A 281 -7.00 -9.01 29.54
C GLU A 281 -7.35 -8.29 30.84
N ASN A 282 -6.39 -7.59 31.42
CA ASN A 282 -6.61 -6.91 32.68
C ASN A 282 -7.15 -5.49 32.61
N TYR A 283 -6.94 -4.81 31.49
CA TYR A 283 -7.40 -3.44 31.39
C TYR A 283 -8.49 -3.15 30.39
N LEU A 284 -8.28 -3.52 29.13
CA LEU A 284 -9.27 -3.25 28.11
C LEU A 284 -10.56 -4.06 28.27
N LEU A 285 -10.43 -5.34 28.55
CA LEU A 285 -11.61 -6.16 28.71
C LEU A 285 -12.10 -6.20 30.15
N THR A 286 -12.41 -5.01 30.66
CA THR A 286 -12.95 -4.84 32.00
C THR A 286 -14.10 -3.87 31.74
N ASP A 287 -15.00 -3.69 32.71
CA ASP A 287 -16.11 -2.76 32.50
C ASP A 287 -15.62 -1.32 32.29
N GLU A 288 -14.72 -0.83 33.13
CA GLU A 288 -14.22 0.54 32.96
C GLU A 288 -13.66 0.62 31.56
N GLY A 289 -12.58 -0.12 31.33
CA GLY A 289 -11.91 -0.12 30.05
C GLY A 289 -12.83 -0.07 28.85
N LEU A 290 -13.81 -0.95 28.81
CA LEU A 290 -14.73 -0.97 27.67
C LEU A 290 -15.61 0.26 27.60
N GLU A 291 -16.12 0.72 28.74
CA GLU A 291 -16.97 1.89 28.71
C GLU A 291 -16.13 3.10 28.38
N ALA A 292 -14.89 3.13 28.86
CA ALA A 292 -13.99 4.23 28.56
C ALA A 292 -14.03 4.45 27.04
N VAL A 293 -13.93 3.37 26.29
CA VAL A 293 -13.94 3.46 24.84
C VAL A 293 -15.33 3.68 24.30
N ASN A 294 -16.31 3.04 24.91
CA ASN A 294 -17.69 3.16 24.46
C ASN A 294 -18.12 4.62 24.48
N LYS A 295 -17.61 5.36 25.47
CA LYS A 295 -17.90 6.79 25.59
C LYS A 295 -17.44 7.49 24.32
N ASP A 296 -16.16 7.34 23.98
CA ASP A 296 -15.59 7.93 22.77
C ASP A 296 -16.45 7.56 21.54
N LYS A 297 -16.62 6.26 21.31
CA LYS A 297 -17.44 5.76 20.21
C LYS A 297 -18.08 4.45 20.67
N PRO A 298 -19.32 4.20 20.24
CA PRO A 298 -20.06 2.99 20.59
C PRO A 298 -19.40 1.73 20.06
N LEU A 299 -19.20 0.75 20.93
CA LEU A 299 -18.59 -0.51 20.52
C LEU A 299 -19.71 -1.41 20.01
N GLY A 300 -20.92 -1.13 20.50
CA GLY A 300 -22.04 -1.94 20.10
C GLY A 300 -22.18 -3.03 21.14
N ALA A 301 -22.53 -4.24 20.70
CA ALA A 301 -22.70 -5.34 21.63
C ALA A 301 -21.36 -5.94 22.01
N VAL A 302 -20.78 -5.44 23.09
CA VAL A 302 -19.49 -5.92 23.57
C VAL A 302 -19.47 -7.43 23.78
N ALA A 303 -18.29 -8.03 23.79
CA ALA A 303 -18.14 -9.47 23.99
C ALA A 303 -18.10 -9.79 25.47
N LEU A 304 -17.65 -8.83 26.27
CA LEU A 304 -17.56 -9.04 27.70
C LEU A 304 -18.95 -9.14 28.28
N LYS A 305 -19.32 -10.33 28.73
CA LYS A 305 -20.63 -10.59 29.31
C LYS A 305 -21.15 -9.51 30.27
N SER A 306 -20.45 -9.28 31.37
CA SER A 306 -20.87 -8.30 32.37
C SER A 306 -21.37 -6.98 31.80
N TYR A 307 -20.49 -6.27 31.11
CA TYR A 307 -20.81 -4.99 30.52
C TYR A 307 -21.88 -5.04 29.44
N GLU A 308 -22.04 -6.17 28.77
CA GLU A 308 -23.05 -6.28 27.72
C GLU A 308 -24.45 -6.37 28.33
N GLU A 309 -24.51 -6.70 29.62
CA GLU A 309 -25.78 -6.81 30.33
C GLU A 309 -26.21 -5.44 30.80
N GLU A 310 -25.59 -4.42 30.22
CA GLU A 310 -25.89 -3.04 30.54
C GLU A 310 -26.22 -2.46 29.19
N LEU A 311 -25.32 -2.65 28.24
CA LEU A 311 -25.52 -2.13 26.90
C LEU A 311 -26.75 -2.74 26.30
N ALA A 312 -27.06 -3.96 26.70
CA ALA A 312 -28.22 -4.65 26.18
C ALA A 312 -29.52 -3.91 26.49
N LYS A 313 -29.53 -3.18 27.60
CA LYS A 313 -30.70 -2.41 28.00
C LYS A 313 -31.08 -1.50 26.83
N ASP A 314 -30.11 -0.71 26.37
CA ASP A 314 -30.28 0.23 25.27
C ASP A 314 -30.97 -0.42 24.05
N PRO A 315 -32.00 0.25 23.49
CA PRO A 315 -32.73 -0.27 22.33
C PRO A 315 -31.89 -0.24 21.05
N ARG A 316 -30.84 0.57 21.07
CA ARG A 316 -29.92 0.69 19.92
C ARG A 316 -29.13 -0.61 19.80
N ILE A 317 -28.60 -1.02 20.94
CA ILE A 317 -27.83 -2.23 21.06
C ILE A 317 -28.70 -3.39 20.68
N ALA A 318 -29.89 -3.45 21.27
CA ALA A 318 -30.81 -4.54 20.98
C ALA A 318 -31.20 -4.56 19.52
N ALA A 319 -31.06 -3.40 18.87
CA ALA A 319 -31.38 -3.27 17.44
C ALA A 319 -30.22 -3.87 16.67
N THR A 320 -29.01 -3.52 17.11
CA THR A 320 -27.80 -4.02 16.51
C THR A 320 -27.84 -5.55 16.59
N MET A 321 -27.91 -6.04 17.83
CA MET A 321 -27.97 -7.47 18.08
C MET A 321 -29.10 -8.14 17.33
N GLU A 322 -30.13 -7.39 16.96
CA GLU A 322 -31.21 -8.01 16.22
C GLU A 322 -30.75 -8.19 14.78
N ASN A 323 -30.21 -7.13 14.21
CA ASN A 323 -29.70 -7.15 12.83
C ASN A 323 -28.66 -8.27 12.73
N ALA A 324 -27.82 -8.32 13.77
CA ALA A 324 -26.75 -9.31 13.86
C ALA A 324 -27.33 -10.69 13.56
N GLN A 325 -28.26 -11.14 14.41
CA GLN A 325 -28.90 -12.44 14.25
C GLN A 325 -29.36 -12.74 12.83
N LYS A 326 -30.03 -11.75 12.21
CA LYS A 326 -30.55 -11.89 10.84
C LYS A 326 -29.43 -12.03 9.81
N GLY A 327 -28.25 -11.53 10.17
CA GLY A 327 -27.11 -11.63 9.28
C GLY A 327 -26.27 -12.82 9.67
N GLU A 328 -25.19 -13.06 8.94
CA GLU A 328 -24.33 -14.17 9.27
C GLU A 328 -23.03 -13.64 9.83
N ILE A 329 -22.33 -14.48 10.57
CA ILE A 329 -21.06 -14.08 11.12
C ILE A 329 -20.06 -14.20 9.97
N MET A 330 -19.18 -13.20 9.84
CA MET A 330 -18.19 -13.22 8.79
C MET A 330 -17.20 -14.33 9.00
N PRO A 331 -16.80 -15.04 7.92
CA PRO A 331 -15.81 -16.12 8.04
C PRO A 331 -14.46 -15.44 8.37
N ASN A 332 -13.58 -16.10 9.13
CA ASN A 332 -12.29 -15.49 9.43
C ASN A 332 -11.20 -16.07 8.51
N ILE A 333 -11.59 -17.00 7.63
CA ILE A 333 -10.67 -17.66 6.69
C ILE A 333 -9.96 -16.68 5.76
N PRO A 334 -8.72 -17.01 5.37
CA PRO A 334 -7.88 -16.19 4.48
C PRO A 334 -8.52 -15.72 3.18
N GLN A 335 -9.33 -16.58 2.56
CA GLN A 335 -9.96 -16.23 1.29
C GLN A 335 -10.97 -15.08 1.41
N MET A 336 -11.16 -14.56 2.63
CA MET A 336 -12.08 -13.45 2.84
C MET A 336 -11.68 -12.16 2.15
N SER A 337 -10.41 -11.76 2.28
CA SER A 337 -9.91 -10.53 1.62
C SER A 337 -10.17 -10.60 0.11
N ALA A 338 -9.97 -11.79 -0.48
CA ALA A 338 -10.22 -12.02 -1.91
C ALA A 338 -11.69 -11.81 -2.20
N PHE A 339 -12.52 -12.18 -1.21
CA PHE A 339 -13.97 -12.04 -1.31
C PHE A 339 -14.32 -10.56 -1.34
N TRP A 340 -13.89 -9.85 -0.30
CA TRP A 340 -14.15 -8.43 -0.18
C TRP A 340 -13.74 -7.68 -1.45
N TYR A 341 -12.64 -8.09 -2.07
CA TYR A 341 -12.16 -7.44 -3.27
C TYR A 341 -13.13 -7.66 -4.42
N ALA A 342 -13.36 -8.93 -4.74
CA ALA A 342 -14.25 -9.29 -5.84
C ALA A 342 -15.55 -8.51 -5.74
N VAL A 343 -16.09 -8.41 -4.52
CA VAL A 343 -17.34 -7.71 -4.32
C VAL A 343 -17.19 -6.21 -4.53
N ARG A 344 -16.20 -5.62 -3.90
CA ARG A 344 -15.96 -4.17 -4.02
C ARG A 344 -15.99 -3.79 -5.49
N THR A 345 -15.23 -4.52 -6.28
CA THR A 345 -15.13 -4.31 -7.72
C THR A 345 -16.52 -4.36 -8.35
N ALA A 346 -17.10 -5.56 -8.35
CA ALA A 346 -18.42 -5.79 -8.90
C ALA A 346 -19.40 -4.66 -8.59
N VAL A 347 -19.59 -4.35 -7.32
CA VAL A 347 -20.51 -3.28 -6.91
C VAL A 347 -20.19 -1.96 -7.61
N ILE A 348 -19.01 -1.40 -7.31
CA ILE A 348 -18.59 -0.14 -7.88
C ILE A 348 -18.71 -0.11 -9.41
N ASN A 349 -18.24 -1.18 -10.05
CA ASN A 349 -18.27 -1.32 -11.51
C ASN A 349 -19.65 -1.34 -12.12
N ALA A 350 -20.62 -1.89 -11.40
CA ALA A 350 -21.98 -1.99 -11.90
C ALA A 350 -22.86 -0.81 -11.48
N ALA A 351 -22.55 -0.21 -10.33
CA ALA A 351 -23.32 0.93 -9.84
C ALA A 351 -22.96 2.14 -10.72
N SER A 352 -21.70 2.18 -11.13
CA SER A 352 -21.17 3.23 -11.98
C SER A 352 -21.84 3.12 -13.35
N GLY A 353 -21.94 1.90 -13.88
CA GLY A 353 -22.58 1.73 -15.17
C GLY A 353 -21.65 1.10 -16.19
N ARG A 354 -20.45 0.75 -15.74
CA ARG A 354 -19.46 0.12 -16.60
C ARG A 354 -19.80 -1.33 -16.91
N GLN A 355 -20.58 -1.93 -16.02
CA GLN A 355 -21.00 -3.32 -16.17
C GLN A 355 -22.42 -3.66 -15.72
N THR A 356 -23.01 -4.64 -16.40
CA THR A 356 -24.35 -5.11 -16.08
C THR A 356 -24.14 -6.13 -14.95
N VAL A 357 -24.91 -6.00 -13.87
CA VAL A 357 -24.82 -6.89 -12.72
C VAL A 357 -24.27 -8.27 -13.08
N ASP A 358 -24.87 -8.92 -14.08
CA ASP A 358 -24.43 -10.24 -14.51
C ASP A 358 -22.90 -10.26 -14.60
N GLU A 359 -22.39 -9.41 -15.48
CA GLU A 359 -20.96 -9.28 -15.73
C GLU A 359 -20.19 -9.07 -14.42
N ALA A 360 -20.54 -7.98 -13.74
CA ALA A 360 -19.88 -7.63 -12.47
C ALA A 360 -19.76 -8.84 -11.55
N LEU A 361 -20.85 -9.58 -11.41
CA LEU A 361 -20.87 -10.75 -10.53
C LEU A 361 -20.21 -12.01 -11.08
N ALA A 362 -20.26 -12.23 -12.38
CA ALA A 362 -19.63 -13.43 -12.93
C ALA A 362 -18.13 -13.28 -12.69
N ALA A 363 -17.65 -12.06 -12.92
CA ALA A 363 -16.24 -11.75 -12.73
C ALA A 363 -15.98 -11.85 -11.23
N ALA A 364 -16.84 -11.21 -10.46
CA ALA A 364 -16.75 -11.21 -9.00
C ALA A 364 -16.69 -12.63 -8.42
N GLN A 365 -17.51 -13.54 -8.95
CA GLN A 365 -17.51 -14.90 -8.45
C GLN A 365 -16.15 -15.53 -8.70
N THR A 366 -15.67 -15.40 -9.94
CA THR A 366 -14.38 -15.93 -10.35
C THR A 366 -13.28 -15.41 -9.42
N ASN A 367 -13.26 -14.10 -9.25
CA ASN A 367 -12.28 -13.41 -8.41
C ASN A 367 -12.33 -13.82 -6.96
N ALA A 368 -13.52 -13.89 -6.40
CA ALA A 368 -13.68 -14.27 -5.00
C ALA A 368 -13.07 -15.64 -4.66
N ALA A 369 -13.10 -16.55 -5.65
CA ALA A 369 -12.59 -17.90 -5.48
C ALA A 369 -11.16 -18.18 -5.97
N ALA A 370 -10.42 -17.10 -6.26
CA ALA A 370 -9.01 -17.15 -6.70
C ALA A 370 -8.06 -17.11 -5.46
N GLU A 371 -6.75 -17.13 -5.70
CA GLU A 371 -5.77 -17.16 -4.59
C GLU A 371 -4.74 -16.02 -4.36
N PHE A 372 -4.10 -15.49 -5.40
CA PHE A 372 -3.13 -14.38 -5.27
C PHE A 372 -1.74 -14.78 -4.75
N MET A 373 -0.73 -14.00 -5.16
CA MET A 373 0.67 -14.18 -4.75
C MET A 373 1.74 -13.45 -5.61
N SER A 374 2.84 -13.04 -4.98
CA SER A 374 3.93 -12.35 -5.69
C SER A 374 4.36 -13.33 -6.77
N LYS A 375 3.84 -13.06 -7.97
CA LYS A 375 4.09 -13.90 -9.12
C LYS A 375 5.35 -13.60 -9.94
N ILE A 376 6.14 -12.57 -9.60
CA ILE A 376 7.30 -12.25 -10.44
C ILE A 376 6.76 -11.70 -11.79
N ASN A 377 7.11 -10.46 -12.12
CA ASN A 377 6.65 -9.84 -13.37
C ASN A 377 7.77 -9.66 -14.39
N ASP A 378 8.87 -9.03 -13.95
CA ASP A 378 10.04 -8.77 -14.78
C ASP A 378 10.98 -9.94 -14.74
N ILE A 379 11.88 -10.03 -15.70
CA ILE A 379 12.86 -11.10 -15.61
C ILE A 379 13.78 -10.57 -14.52
N ASN A 380 13.71 -9.25 -14.27
CA ASN A 380 14.53 -8.68 -13.21
C ASN A 380 13.98 -9.16 -11.89
N ASP A 381 12.67 -9.40 -11.84
CA ASP A 381 12.04 -9.91 -10.63
C ASP A 381 12.47 -11.36 -10.54
N LEU A 382 12.55 -12.01 -11.70
CA LEU A 382 12.98 -13.41 -11.77
C LEU A 382 14.39 -13.52 -11.15
N VAL A 383 15.32 -12.73 -11.72
CA VAL A 383 16.69 -12.68 -11.25
C VAL A 383 16.69 -12.36 -9.76
N ASN A 384 15.93 -11.34 -9.42
CA ASN A 384 15.77 -10.90 -8.03
C ASN A 384 15.43 -12.12 -7.17
N ALA A 385 14.34 -12.80 -7.57
CA ALA A 385 13.81 -13.99 -6.91
C ALA A 385 14.83 -15.11 -6.84
N THR A 386 15.41 -15.44 -7.99
CA THR A 386 16.41 -16.50 -8.04
C THR A 386 17.57 -16.25 -7.09
N PHE A 387 18.01 -15.01 -7.03
CA PHE A 387 19.09 -14.63 -6.15
C PHE A 387 18.75 -14.89 -4.69
N GLN A 388 17.52 -14.53 -4.34
CA GLN A 388 17.02 -14.67 -2.98
C GLN A 388 16.99 -16.15 -2.59
N VAL A 389 16.39 -16.94 -3.47
CA VAL A 389 16.26 -18.39 -3.29
C VAL A 389 17.63 -19.01 -3.09
N LYS A 390 18.41 -18.96 -4.17
CA LYS A 390 19.75 -19.49 -4.22
C LYS A 390 20.50 -19.15 -2.94
N LYS A 391 20.36 -17.92 -2.49
CA LYS A 391 21.02 -17.51 -1.28
C LYS A 391 20.48 -18.29 -0.09
N PHE A 392 19.16 -18.31 0.05
CA PHE A 392 18.50 -19.00 1.15
C PHE A 392 19.00 -20.41 1.43
N PHE A 393 18.96 -21.27 0.41
CA PHE A 393 19.42 -22.65 0.59
C PHE A 393 20.88 -22.75 1.01
N ARG A 394 21.76 -22.03 0.31
CA ARG A 394 23.18 -22.05 0.62
C ARG A 394 23.46 -21.68 2.08
N ASP A 395 22.66 -20.78 2.63
CA ASP A 395 22.82 -20.36 4.03
C ASP A 395 22.32 -21.40 5.03
N THR A 396 21.36 -22.22 4.60
CA THR A 396 20.79 -23.23 5.45
C THR A 396 21.28 -24.61 5.07
N LYS A 397 22.28 -24.68 4.19
CA LYS A 397 22.81 -25.97 3.76
C LYS A 397 23.38 -26.78 4.92
N LYS A 398 24.32 -26.19 5.67
CA LYS A 398 24.89 -26.88 6.84
C LYS A 398 23.73 -27.10 7.80
N LYS A 399 23.54 -26.16 8.73
CA LYS A 399 22.45 -26.23 9.70
C LYS A 399 21.09 -26.10 8.97
N PHE A 400 20.49 -27.26 8.70
CA PHE A 400 19.20 -27.50 8.05
C PHE A 400 19.35 -27.97 6.60
N ASN A 401 19.82 -29.20 6.36
CA ASN A 401 19.95 -29.65 4.97
C ASN A 401 18.60 -29.90 4.28
N LEU A 402 17.62 -29.05 4.56
CA LEU A 402 16.27 -29.18 4.00
C LEU A 402 16.18 -28.62 2.60
N ASN A 403 16.03 -29.50 1.61
CA ASN A 403 15.93 -29.03 0.23
C ASN A 403 14.57 -28.37 -0.01
N TYR A 404 14.37 -27.83 -1.21
CA TYR A 404 13.11 -27.18 -1.57
C TYR A 404 11.92 -28.06 -1.31
N GLU A 405 11.82 -29.13 -2.09
CA GLU A 405 10.71 -30.07 -1.95
C GLU A 405 10.35 -30.30 -0.47
N GLU A 406 11.35 -30.49 0.38
CA GLU A 406 11.06 -30.69 1.80
C GLU A 406 10.38 -29.46 2.40
N ILE A 407 11.05 -28.32 2.30
CA ILE A 407 10.53 -27.05 2.82
C ILE A 407 9.10 -26.83 2.33
N TYR A 408 8.88 -27.13 1.06
CA TYR A 408 7.58 -26.96 0.44
C TYR A 408 6.49 -27.68 1.23
N ILE A 409 6.80 -28.93 1.55
CA ILE A 409 5.92 -29.83 2.29
C ILE A 409 5.64 -29.30 3.69
N LEU A 410 6.67 -29.19 4.52
CA LEU A 410 6.49 -28.68 5.86
C LEU A 410 5.63 -27.41 5.87
N ASN A 411 5.76 -26.60 4.82
CA ASN A 411 4.98 -25.37 4.71
C ASN A 411 3.53 -25.68 4.39
N HIS A 412 3.32 -26.47 3.34
CA HIS A 412 1.98 -26.87 2.90
C HIS A 412 1.22 -27.45 4.09
N ILE A 413 1.97 -28.13 4.95
CA ILE A 413 1.42 -28.76 6.15
C ILE A 413 1.04 -27.70 7.16
N LEU A 414 1.97 -26.81 7.47
CA LEU A 414 1.73 -25.76 8.45
C LEU A 414 0.59 -24.85 8.05
N ARG A 415 0.41 -24.63 6.75
CA ARG A 415 -0.65 -23.76 6.27
C ARG A 415 -1.90 -24.58 6.00
N SER A 416 -1.98 -25.76 6.59
CA SER A 416 -3.10 -26.67 6.39
C SER A 416 -4.04 -26.74 7.59
N GLU A 417 -5.34 -26.82 7.32
CA GLU A 417 -6.34 -26.93 8.37
C GLU A 417 -6.29 -28.33 8.92
N SER A 418 -6.16 -29.30 8.02
CA SER A 418 -6.12 -30.72 8.35
C SER A 418 -4.79 -31.23 8.88
N ASN A 419 -4.86 -32.31 9.64
CA ASN A 419 -3.70 -32.96 10.23
C ASN A 419 -3.35 -34.21 9.44
N GLU A 420 -4.00 -34.36 8.29
CA GLU A 420 -3.79 -35.51 7.41
C GLU A 420 -3.87 -35.05 5.96
N ILE A 421 -2.83 -35.31 5.18
CA ILE A 421 -2.85 -34.90 3.78
C ILE A 421 -2.39 -36.03 2.89
N SER A 422 -2.82 -35.99 1.63
CA SER A 422 -2.47 -37.03 0.68
C SER A 422 -1.45 -36.64 -0.35
N SER A 423 -0.61 -37.60 -0.70
CA SER A 423 0.42 -37.43 -1.70
C SER A 423 -0.19 -36.73 -2.93
N LYS A 424 -1.49 -36.87 -3.13
CA LYS A 424 -2.17 -36.23 -4.26
C LYS A 424 -2.17 -34.72 -4.09
N GLU A 425 -2.59 -34.26 -2.92
CA GLU A 425 -2.64 -32.84 -2.59
C GLU A 425 -1.27 -32.20 -2.86
N ILE A 426 -0.29 -32.68 -2.12
CA ILE A 426 1.08 -32.21 -2.24
C ILE A 426 1.64 -32.42 -3.65
N ALA A 427 1.02 -33.27 -4.44
CA ALA A 427 1.50 -33.51 -5.80
C ALA A 427 0.82 -32.60 -6.81
N LYS A 428 -0.50 -32.49 -6.73
CA LYS A 428 -1.24 -31.61 -7.64
C LYS A 428 -0.69 -30.21 -7.41
N CYS A 429 -0.56 -29.84 -6.14
CA CYS A 429 -0.02 -28.55 -5.77
C CYS A 429 1.49 -28.73 -5.74
N SER A 430 2.18 -28.07 -6.67
CA SER A 430 3.64 -28.12 -6.84
C SER A 430 3.93 -29.07 -7.97
N GLU A 431 4.46 -28.55 -9.07
CA GLU A 431 4.77 -29.37 -10.22
C GLU A 431 5.81 -30.45 -9.89
N PHE A 432 5.91 -30.78 -8.60
CA PHE A 432 6.87 -31.79 -8.14
C PHE A 432 7.00 -33.04 -9.00
N LYS A 433 8.08 -33.77 -8.70
CA LYS A 433 8.42 -35.01 -9.38
C LYS A 433 8.03 -36.14 -8.44
N PRO A 434 7.27 -37.13 -8.93
CA PRO A 434 6.88 -38.24 -8.06
C PRO A 434 8.10 -38.80 -7.32
N TYR A 435 9.23 -38.79 -8.01
CA TYR A 435 10.49 -39.29 -7.47
C TYR A 435 10.98 -38.49 -6.26
N TYR A 436 10.97 -37.16 -6.38
CA TYR A 436 11.40 -36.30 -5.29
C TYR A 436 10.34 -36.17 -4.20
N LEU A 437 9.08 -36.11 -4.62
CA LEU A 437 7.96 -35.98 -3.71
C LEU A 437 8.11 -37.06 -2.65
N THR A 438 8.15 -38.30 -3.14
CA THR A 438 8.29 -39.48 -2.29
C THR A 438 9.60 -39.47 -1.53
N LYS A 439 10.69 -39.16 -2.23
CA LYS A 439 11.98 -39.12 -1.61
C LYS A 439 11.97 -38.10 -0.47
N ALA A 440 11.24 -37.01 -0.69
CA ALA A 440 11.11 -35.91 0.28
C ALA A 440 10.26 -36.26 1.49
N LEU A 441 9.09 -36.86 1.25
CA LEU A 441 8.21 -37.26 2.34
C LEU A 441 9.05 -38.20 3.18
N GLN A 442 9.77 -39.06 2.49
CA GLN A 442 10.63 -40.02 3.15
C GLN A 442 11.66 -39.25 3.98
N LYS A 443 12.46 -38.42 3.30
CA LYS A 443 13.48 -37.61 3.95
C LYS A 443 13.02 -36.98 5.29
N LEU A 444 11.78 -36.51 5.32
CA LEU A 444 11.19 -35.88 6.51
C LEU A 444 10.75 -36.95 7.50
N LYS A 445 10.19 -38.03 6.96
CA LYS A 445 9.74 -39.14 7.79
C LYS A 445 10.91 -39.62 8.62
N ASP A 446 12.01 -39.93 7.93
CA ASP A 446 13.22 -40.40 8.57
C ASP A 446 13.60 -39.45 9.70
N LEU A 447 13.02 -38.26 9.65
CA LEU A 447 13.25 -37.27 10.68
C LEU A 447 12.03 -37.40 11.59
N LYS A 448 12.26 -37.30 12.89
CA LYS A 448 11.18 -37.42 13.87
C LYS A 448 10.32 -36.15 13.93
N LEU A 449 9.60 -35.85 12.85
CA LEU A 449 8.75 -34.66 12.85
C LEU A 449 7.69 -34.70 11.75
N LEU A 450 7.95 -35.44 10.69
CA LEU A 450 6.98 -35.55 9.60
C LEU A 450 5.82 -36.42 10.06
N SER A 451 6.00 -37.05 11.23
CA SER A 451 4.99 -37.94 11.82
C SER A 451 4.78 -39.11 10.87
N LYS A 452 3.78 -39.92 11.14
CA LYS A 452 3.51 -41.04 10.26
C LYS A 452 3.02 -40.60 8.90
N LYS A 453 3.28 -41.45 7.93
CA LYS A 453 2.83 -41.25 6.57
C LYS A 453 2.61 -42.71 6.29
N ARG A 454 1.59 -43.06 5.52
CA ARG A 454 1.37 -44.47 5.26
C ARG A 454 0.42 -44.77 4.14
N SER A 455 0.78 -45.81 3.41
CA SER A 455 0.03 -46.30 2.26
C SER A 455 -1.43 -45.86 2.30
N LEU A 456 -1.91 -45.36 1.17
CA LEU A 456 -3.29 -44.94 1.09
C LEU A 456 -4.12 -46.20 1.32
N GLN A 457 -5.35 -46.14 0.83
CA GLN A 457 -6.32 -47.23 0.88
C GLN A 457 -6.50 -47.59 -0.58
N ASP A 458 -6.90 -46.55 -1.31
CA ASP A 458 -7.15 -46.59 -2.75
C ASP A 458 -5.93 -47.03 -3.55
N GLU A 459 -4.96 -46.12 -3.73
CA GLU A 459 -3.73 -46.43 -4.48
C GLU A 459 -2.49 -46.32 -3.61
N ARG A 460 -1.36 -46.00 -4.21
CA ARG A 460 -0.15 -45.85 -3.39
C ARG A 460 0.12 -44.37 -3.16
N THR A 461 -0.99 -43.64 -3.07
CA THR A 461 -1.05 -42.22 -2.81
C THR A 461 -0.80 -41.95 -1.32
N VAL A 462 0.18 -42.63 -0.73
CA VAL A 462 0.53 -42.47 0.70
C VAL A 462 -0.09 -41.29 1.45
N ILE A 463 -0.72 -41.58 2.58
CA ILE A 463 -1.35 -40.55 3.40
C ILE A 463 -0.33 -39.99 4.40
N VAL A 464 -0.26 -38.66 4.49
CA VAL A 464 0.68 -38.04 5.43
C VAL A 464 -0.09 -37.58 6.64
N TYR A 465 0.35 -38.05 7.80
CA TYR A 465 -0.28 -37.70 9.03
C TYR A 465 0.72 -36.98 9.90
N VAL A 466 0.26 -35.95 10.59
CA VAL A 466 1.10 -35.15 11.47
C VAL A 466 0.40 -35.06 12.82
N THR A 467 1.14 -35.29 13.89
CA THR A 467 0.57 -35.24 15.23
C THR A 467 -0.01 -33.87 15.51
N ASP A 468 0.02 -33.48 16.78
CA ASP A 468 -0.47 -32.19 17.20
C ASP A 468 0.79 -31.55 17.76
N THR A 469 1.65 -32.42 18.27
CA THR A 469 2.92 -32.00 18.84
C THR A 469 3.89 -32.08 17.67
N GLN A 470 3.46 -32.76 16.62
CA GLN A 470 4.28 -32.92 15.43
C GLN A 470 4.26 -31.61 14.68
N LYS A 471 3.06 -31.12 14.42
CA LYS A 471 2.82 -29.87 13.71
C LYS A 471 3.39 -28.72 14.52
N ALA A 472 3.71 -28.98 15.79
CA ALA A 472 4.27 -27.96 16.67
C ALA A 472 5.77 -27.85 16.43
N ASN A 473 6.39 -28.97 16.06
CA ASN A 473 7.83 -29.02 15.78
C ASN A 473 8.16 -28.59 14.36
N ILE A 474 7.21 -28.76 13.45
CA ILE A 474 7.41 -28.35 12.07
C ILE A 474 7.37 -26.82 12.10
N GLN A 475 6.54 -26.27 12.98
CA GLN A 475 6.41 -24.83 13.12
C GLN A 475 7.70 -24.27 13.72
N LYS A 476 8.13 -24.81 14.85
CA LYS A 476 9.34 -24.33 15.50
C LYS A 476 10.56 -24.40 14.59
N LEU A 477 10.52 -25.26 13.59
CA LEU A 477 11.63 -25.40 12.67
C LEU A 477 11.55 -24.35 11.58
N ILE A 478 10.34 -24.13 11.08
CA ILE A 478 10.14 -23.13 10.05
C ILE A 478 10.48 -21.77 10.62
N SER A 479 9.95 -21.46 11.80
CA SER A 479 10.27 -20.18 12.42
C SER A 479 11.78 -20.09 12.57
N GLU A 480 12.40 -21.24 12.77
CA GLU A 480 13.84 -21.31 12.95
C GLU A 480 14.59 -21.02 11.66
N LEU A 481 14.32 -21.77 10.61
CA LEU A 481 15.02 -21.52 9.36
C LEU A 481 14.44 -20.31 8.63
N GLU A 482 13.41 -19.70 9.23
CA GLU A 482 12.79 -18.53 8.63
C GLU A 482 13.56 -17.30 9.03
N GLU A 483 14.53 -17.46 9.91
CA GLU A 483 15.36 -16.36 10.38
C GLU A 483 16.39 -16.02 9.31
N TYR A 484 16.66 -17.01 8.46
CA TYR A 484 17.63 -16.87 7.39
C TYR A 484 17.10 -16.09 6.20
N ILE A 485 15.87 -15.61 6.28
CA ILE A 485 15.29 -14.83 5.19
C ILE A 485 14.55 -13.63 5.70
N LYS A 486 14.62 -13.43 7.00
CA LYS A 486 14.02 -12.26 7.60
C LYS A 486 14.73 -11.12 6.88
N ASN A 487 13.96 -10.39 6.07
CA ASN A 487 14.48 -9.26 5.30
C ASN A 487 15.63 -9.64 4.38
N LYS B 1 -7.01 -4.85 -19.14
CA LYS B 1 -8.24 -4.23 -19.73
C LYS B 1 -8.25 -2.73 -19.43
N ILE B 2 -7.74 -1.95 -20.39
CA ILE B 2 -7.66 -0.50 -20.24
C ILE B 2 -8.89 0.17 -20.84
N GLU B 3 -9.63 -0.57 -21.65
CA GLU B 3 -10.84 -0.03 -22.26
C GLU B 3 -10.59 1.11 -23.23
N GLU B 4 -10.68 0.80 -24.53
CA GLU B 4 -10.47 1.77 -25.59
C GLU B 4 -11.56 2.84 -25.61
N GLY B 5 -11.35 3.89 -26.40
CA GLY B 5 -12.35 4.94 -26.51
C GLY B 5 -12.35 6.03 -25.45
N LYS B 6 -11.56 5.87 -24.41
CA LYS B 6 -11.54 6.90 -23.38
C LYS B 6 -10.19 7.03 -22.69
N LEU B 7 -10.05 8.10 -21.90
CA LEU B 7 -8.82 8.33 -21.18
C LEU B 7 -9.09 8.25 -19.69
N VAL B 8 -8.15 7.62 -18.98
CA VAL B 8 -8.19 7.49 -17.54
C VAL B 8 -6.84 8.03 -17.11
N ILE B 9 -6.87 9.04 -16.27
CA ILE B 9 -5.66 9.67 -15.83
C ILE B 9 -5.39 9.50 -14.35
N TRP B 10 -4.13 9.32 -14.03
CA TRP B 10 -3.75 9.16 -12.66
C TRP B 10 -2.84 10.30 -12.35
N ILE B 11 -3.26 11.14 -11.42
CA ILE B 11 -2.46 12.28 -11.02
C ILE B 11 -2.48 12.27 -9.51
N ASN B 12 -1.40 12.73 -8.88
CA ASN B 12 -1.31 12.74 -7.42
C ASN B 12 -2.33 13.63 -6.72
N GLY B 13 -2.79 13.19 -5.55
CA GLY B 13 -3.81 13.91 -4.78
C GLY B 13 -3.66 15.37 -4.39
N ASP B 14 -2.43 15.86 -4.24
CA ASP B 14 -2.17 17.26 -3.86
C ASP B 14 -2.04 18.16 -5.08
N LYS B 15 -2.63 17.76 -6.20
CA LYS B 15 -2.54 18.56 -7.42
C LYS B 15 -3.84 18.85 -8.18
N GLY B 16 -3.73 19.80 -9.10
CA GLY B 16 -4.88 20.25 -9.86
C GLY B 16 -5.73 19.25 -10.60
N TYR B 17 -6.11 18.15 -9.96
CA TYR B 17 -6.92 17.19 -10.70
C TYR B 17 -8.27 17.74 -11.15
N ASN B 18 -8.83 18.66 -10.39
CA ASN B 18 -10.10 19.25 -10.81
C ASN B 18 -9.77 20.10 -12.04
N GLY B 19 -8.67 20.84 -11.94
CA GLY B 19 -8.22 21.68 -13.05
C GLY B 19 -7.93 20.86 -14.29
N LEU B 20 -7.24 19.74 -14.09
CA LEU B 20 -6.90 18.85 -15.19
C LEU B 20 -8.19 18.32 -15.79
N ALA B 21 -9.16 18.07 -14.91
CA ALA B 21 -10.47 17.56 -15.30
C ALA B 21 -11.16 18.54 -16.24
N GLU B 22 -10.86 19.82 -16.05
CA GLU B 22 -11.44 20.86 -16.88
C GLU B 22 -10.86 20.70 -18.27
N VAL B 23 -9.54 20.46 -18.30
CA VAL B 23 -8.84 20.22 -19.55
C VAL B 23 -9.50 19.00 -20.19
N GLY B 24 -9.66 17.95 -19.39
CA GLY B 24 -10.30 16.74 -19.90
C GLY B 24 -11.68 16.96 -20.51
N LYS B 25 -12.42 17.93 -20.00
CA LYS B 25 -13.75 18.18 -20.54
C LYS B 25 -13.70 18.97 -21.82
N LYS B 26 -12.77 19.92 -21.90
CA LYS B 26 -12.65 20.69 -23.12
C LYS B 26 -12.30 19.69 -24.20
N PHE B 27 -11.51 18.69 -23.84
CA PHE B 27 -11.10 17.66 -24.78
C PHE B 27 -12.37 16.93 -25.22
N GLU B 28 -13.11 16.39 -24.26
CA GLU B 28 -14.34 15.65 -24.56
C GLU B 28 -15.23 16.49 -25.45
N LYS B 29 -15.31 17.78 -25.17
CA LYS B 29 -16.16 18.66 -25.95
C LYS B 29 -15.78 18.63 -27.43
N ASP B 30 -14.51 18.88 -27.71
CA ASP B 30 -14.03 18.89 -29.09
C ASP B 30 -13.93 17.49 -29.66
N THR B 31 -13.29 16.61 -28.92
CA THR B 31 -13.08 15.23 -29.37
C THR B 31 -14.33 14.36 -29.38
N GLY B 32 -14.97 14.26 -28.24
CA GLY B 32 -16.13 13.42 -28.14
C GLY B 32 -15.76 12.28 -27.24
N ILE B 33 -14.46 12.15 -26.94
CA ILE B 33 -14.07 11.07 -26.05
C ILE B 33 -13.91 11.61 -24.62
N LYS B 34 -14.40 10.83 -23.66
CA LYS B 34 -14.36 11.22 -22.26
C LYS B 34 -13.01 10.97 -21.61
N VAL B 35 -12.72 11.73 -20.58
CA VAL B 35 -11.46 11.63 -19.85
C VAL B 35 -11.83 11.71 -18.38
N THR B 36 -11.33 10.79 -17.58
CA THR B 36 -11.66 10.84 -16.17
C THR B 36 -10.40 10.80 -15.37
N VAL B 37 -10.21 11.82 -14.55
CA VAL B 37 -9.03 11.92 -13.72
C VAL B 37 -9.27 11.23 -12.40
N GLU B 38 -8.22 10.66 -11.83
CA GLU B 38 -8.30 9.96 -10.55
C GLU B 38 -7.01 10.14 -9.80
N HIS B 39 -7.10 10.18 -8.48
CA HIS B 39 -5.89 10.35 -7.69
C HIS B 39 -5.70 9.20 -6.73
N PRO B 40 -5.54 7.99 -7.25
CA PRO B 40 -5.34 6.83 -6.39
C PRO B 40 -4.38 7.20 -5.29
N ASP B 41 -4.37 6.47 -4.20
CA ASP B 41 -3.43 6.79 -3.14
C ASP B 41 -2.19 5.92 -3.34
N LYS B 42 -1.04 6.58 -3.48
CA LYS B 42 0.24 5.91 -3.72
C LYS B 42 0.22 5.38 -5.15
N LEU B 43 -0.12 6.25 -6.09
CA LEU B 43 -0.18 5.83 -7.47
C LEU B 43 1.22 5.49 -7.99
N GLU B 44 2.26 6.06 -7.38
CA GLU B 44 3.63 5.81 -7.83
C GLU B 44 4.07 4.35 -7.65
N GLU B 45 3.51 3.69 -6.63
CA GLU B 45 3.83 2.30 -6.36
C GLU B 45 2.76 1.41 -6.97
N LYS B 46 1.51 1.87 -6.92
CA LYS B 46 0.39 1.13 -7.45
C LYS B 46 0.46 1.03 -8.97
N PHE B 47 1.01 2.06 -9.61
CA PHE B 47 1.11 2.07 -11.05
C PHE B 47 1.88 0.86 -11.58
N PRO B 48 3.15 0.70 -11.15
CA PRO B 48 3.95 -0.43 -11.63
C PRO B 48 3.30 -1.80 -11.39
N GLN B 49 2.47 -1.88 -10.34
CA GLN B 49 1.78 -3.13 -10.01
C GLN B 49 0.68 -3.40 -11.03
N VAL B 50 -0.34 -2.53 -11.05
CA VAL B 50 -1.46 -2.70 -11.98
C VAL B 50 -1.03 -2.55 -13.45
N ALA B 51 0.00 -1.74 -13.69
CA ALA B 51 0.48 -1.51 -15.05
C ALA B 51 1.31 -2.69 -15.58
N ALA B 52 1.90 -3.47 -14.66
CA ALA B 52 2.68 -4.63 -15.05
C ALA B 52 1.65 -5.68 -15.55
N THR B 53 0.48 -5.65 -14.91
CA THR B 53 -0.64 -6.54 -15.22
C THR B 53 -1.21 -6.21 -16.59
N GLY B 54 -0.87 -5.03 -17.10
CA GLY B 54 -1.39 -4.64 -18.39
C GLY B 54 -2.65 -3.82 -18.20
N ASP B 55 -2.85 -3.35 -16.97
CA ASP B 55 -4.00 -2.51 -16.61
C ASP B 55 -3.46 -1.17 -16.12
N GLY B 56 -4.31 -0.40 -15.45
CA GLY B 56 -3.87 0.89 -14.94
C GLY B 56 -4.42 2.02 -15.78
N PRO B 57 -3.95 3.26 -15.55
CA PRO B 57 -4.36 4.48 -16.26
C PRO B 57 -3.83 4.53 -17.68
N ASP B 58 -4.41 5.39 -18.51
CA ASP B 58 -3.90 5.54 -19.86
C ASP B 58 -2.68 6.46 -19.69
N ILE B 59 -2.81 7.42 -18.78
CA ILE B 59 -1.76 8.40 -18.51
C ILE B 59 -1.48 8.50 -17.02
N ILE B 60 -0.21 8.51 -16.69
CA ILE B 60 0.17 8.61 -15.29
C ILE B 60 0.98 9.89 -15.11
N PHE B 61 0.66 10.65 -14.07
CA PHE B 61 1.36 11.89 -13.78
C PHE B 61 2.21 11.73 -12.57
N TRP B 62 3.48 12.13 -12.68
CA TRP B 62 4.37 12.05 -11.53
C TRP B 62 5.72 12.71 -11.83
N ALA B 63 6.53 12.91 -10.79
CA ALA B 63 7.83 13.48 -10.98
C ALA B 63 8.61 12.50 -11.88
N HIS B 64 9.34 13.07 -12.82
CA HIS B 64 10.15 12.31 -13.75
C HIS B 64 11.08 11.25 -13.10
N ASP B 65 11.37 11.35 -11.80
CA ASP B 65 12.29 10.39 -11.21
C ASP B 65 11.82 8.93 -11.16
N ARG B 66 10.51 8.70 -11.31
CA ARG B 66 9.99 7.33 -11.27
C ARG B 66 9.97 6.69 -12.65
N PHE B 67 9.78 7.52 -13.67
CA PHE B 67 9.70 7.06 -15.04
C PHE B 67 10.86 6.26 -15.61
N GLY B 68 12.04 6.38 -15.03
CA GLY B 68 13.16 5.61 -15.54
C GLY B 68 12.88 4.13 -15.32
N GLY B 69 12.50 3.79 -14.09
CA GLY B 69 12.18 2.41 -13.74
C GLY B 69 10.90 1.94 -14.39
N TYR B 70 9.99 2.85 -14.75
CA TYR B 70 8.76 2.42 -15.40
C TYR B 70 9.09 1.99 -16.80
N ALA B 71 9.75 2.88 -17.53
CA ALA B 71 10.15 2.62 -18.91
C ALA B 71 10.97 1.34 -18.98
N GLN B 72 11.82 1.18 -17.98
CA GLN B 72 12.69 0.02 -17.82
C GLN B 72 11.87 -1.27 -17.87
N SER B 73 10.87 -1.34 -16.98
CA SER B 73 9.96 -2.48 -16.89
C SER B 73 9.12 -2.62 -18.15
N GLY B 74 9.01 -1.54 -18.91
CA GLY B 74 8.27 -1.55 -20.16
C GLY B 74 6.88 -1.01 -20.00
N LEU B 75 6.60 -0.42 -18.84
CA LEU B 75 5.30 0.15 -18.53
C LEU B 75 4.93 1.40 -19.34
N LEU B 76 5.94 2.10 -19.84
CA LEU B 76 5.72 3.34 -20.58
C LEU B 76 5.92 3.30 -22.10
N ALA B 77 5.00 3.96 -22.79
CA ALA B 77 5.00 4.07 -24.24
C ALA B 77 6.02 5.13 -24.62
N GLU B 78 6.61 5.02 -25.81
CA GLU B 78 7.59 6.01 -26.23
C GLU B 78 6.90 7.14 -26.94
N ILE B 79 7.10 8.35 -26.41
CA ILE B 79 6.48 9.52 -27.00
C ILE B 79 7.42 10.07 -28.08
N THR B 80 6.80 10.46 -29.19
CA THR B 80 7.50 10.95 -30.36
C THR B 80 6.99 12.28 -30.89
N PRO B 81 7.09 13.35 -30.07
CA PRO B 81 6.61 14.65 -30.55
C PRO B 81 7.55 15.21 -31.63
N ASP B 82 7.02 15.89 -32.65
CA ASP B 82 7.91 16.44 -33.67
C ASP B 82 8.80 17.55 -33.07
N LYS B 83 9.82 17.97 -33.81
CA LYS B 83 10.76 18.99 -33.33
C LYS B 83 10.07 20.32 -33.03
N ALA B 84 9.21 20.79 -33.94
CA ALA B 84 8.49 22.05 -33.74
C ALA B 84 7.83 22.07 -32.38
N PHE B 85 7.10 21.01 -32.08
CA PHE B 85 6.45 20.91 -30.78
C PHE B 85 7.45 20.95 -29.62
N GLN B 86 8.46 20.11 -29.68
CA GLN B 86 9.45 20.09 -28.61
C GLN B 86 9.99 21.48 -28.32
N ASP B 87 9.94 22.35 -29.32
CA ASP B 87 10.43 23.71 -29.16
C ASP B 87 9.59 24.53 -28.20
N LYS B 88 8.32 24.16 -28.03
CA LYS B 88 7.45 24.90 -27.10
C LYS B 88 7.82 24.65 -25.65
N LEU B 89 8.76 23.75 -25.39
CA LEU B 89 9.15 23.43 -24.03
C LEU B 89 10.63 23.58 -23.81
N TYR B 90 11.00 23.84 -22.57
CA TYR B 90 12.39 24.05 -22.23
C TYR B 90 13.23 22.79 -22.36
N PRO B 91 14.21 22.84 -23.25
CA PRO B 91 15.13 21.74 -23.51
C PRO B 91 15.50 20.89 -22.32
N PHE B 92 15.60 21.49 -21.14
CA PHE B 92 16.00 20.70 -19.98
C PHE B 92 14.92 19.82 -19.40
N THR B 93 13.65 20.13 -19.73
CA THR B 93 12.54 19.33 -19.22
C THR B 93 12.40 18.05 -20.04
N TRP B 94 12.76 18.11 -21.33
CA TRP B 94 12.70 16.93 -22.19
C TRP B 94 13.82 16.05 -21.72
N ASP B 95 14.93 16.66 -21.37
CA ASP B 95 16.08 15.93 -20.87
C ASP B 95 15.73 15.04 -19.69
N ALA B 96 14.82 15.52 -18.84
CA ALA B 96 14.44 14.77 -17.65
C ALA B 96 13.55 13.59 -17.98
N VAL B 97 12.88 13.68 -19.12
CA VAL B 97 11.98 12.62 -19.55
C VAL B 97 12.60 11.78 -20.68
N ARG B 98 13.92 11.89 -20.81
CA ARG B 98 14.64 11.13 -21.80
C ARG B 98 15.37 10.04 -21.05
N TYR B 99 15.16 8.81 -21.49
CA TYR B 99 15.76 7.64 -20.86
C TYR B 99 16.25 6.66 -21.93
N ASN B 100 17.56 6.45 -21.94
CA ASN B 100 18.19 5.55 -22.92
C ASN B 100 17.81 6.02 -24.32
N GLY B 101 18.04 7.31 -24.57
CA GLY B 101 17.79 7.93 -25.86
C GLY B 101 16.35 8.13 -26.30
N LYS B 102 15.41 7.70 -25.48
CA LYS B 102 14.00 7.86 -25.86
C LYS B 102 13.22 8.79 -24.93
N LEU B 103 12.17 9.38 -25.47
CA LEU B 103 11.31 10.23 -24.69
C LEU B 103 10.16 9.38 -24.14
N ILE B 104 10.19 9.16 -22.83
CA ILE B 104 9.18 8.36 -22.14
C ILE B 104 7.91 9.04 -21.61
N ALA B 105 7.97 10.36 -21.38
CA ALA B 105 6.83 11.12 -20.88
C ALA B 105 6.91 12.55 -21.35
N TYR B 106 5.80 13.27 -21.21
CA TYR B 106 5.74 14.68 -21.56
C TYR B 106 6.07 15.45 -20.30
N PRO B 107 6.92 16.48 -20.40
CA PRO B 107 7.23 17.25 -19.19
C PRO B 107 6.10 18.26 -18.96
N ILE B 108 5.68 18.46 -17.72
CA ILE B 108 4.60 19.39 -17.50
C ILE B 108 4.97 20.64 -16.69
N ALA B 109 5.61 20.46 -15.54
CA ALA B 109 5.98 21.61 -14.75
C ALA B 109 7.12 21.27 -13.82
N VAL B 110 8.04 22.21 -13.62
CA VAL B 110 9.17 21.96 -12.75
C VAL B 110 8.75 22.22 -11.32
N GLU B 111 9.26 21.42 -10.41
CA GLU B 111 8.92 21.54 -9.00
C GLU B 111 10.13 21.56 -8.11
N ALA B 112 10.09 22.42 -7.10
CA ALA B 112 11.17 22.51 -6.14
C ALA B 112 10.55 22.95 -4.82
N LEU B 113 11.09 22.45 -3.72
CA LEU B 113 10.57 22.82 -2.42
C LEU B 113 11.04 24.22 -2.11
N SER B 114 10.11 25.11 -1.75
CA SER B 114 10.46 26.48 -1.42
C SER B 114 10.37 26.55 0.10
N LEU B 115 10.66 27.72 0.66
CA LEU B 115 10.53 27.92 2.10
C LEU B 115 9.39 28.90 2.32
N ILE B 116 8.37 28.46 3.02
CA ILE B 116 7.22 29.30 3.26
C ILE B 116 7.10 29.65 4.72
N TYR B 117 6.87 30.92 5.01
CA TYR B 117 6.74 31.41 6.38
C TYR B 117 5.51 32.32 6.54
N ASN B 118 5.17 32.62 7.80
CA ASN B 118 4.04 33.49 8.11
C ASN B 118 4.58 34.88 8.44
N LYS B 119 4.44 35.81 7.49
CA LYS B 119 4.94 37.17 7.67
C LYS B 119 4.31 37.91 8.85
N ASP B 120 3.08 37.54 9.20
CA ASP B 120 2.40 38.17 10.33
C ASP B 120 3.00 37.62 11.63
N LEU B 121 3.71 36.50 11.50
CA LEU B 121 4.33 35.85 12.65
C LEU B 121 5.86 35.85 12.51
N LEU B 122 6.34 36.60 11.53
CA LEU B 122 7.76 36.73 11.26
C LEU B 122 7.96 37.33 9.88
N PRO B 123 7.90 38.66 9.77
CA PRO B 123 8.08 39.34 8.48
C PRO B 123 9.50 39.14 7.95
N ASN B 124 10.35 38.55 8.78
CA ASN B 124 11.73 38.27 8.39
C ASN B 124 12.16 36.83 8.67
N PRO B 125 12.13 35.99 7.61
CA PRO B 125 12.50 34.57 7.67
C PRO B 125 14.00 34.38 7.82
N PRO B 126 14.41 33.46 8.72
CA PRO B 126 15.84 33.20 8.93
C PRO B 126 16.45 32.77 7.62
N LYS B 127 17.73 33.01 7.44
CA LYS B 127 18.33 32.61 6.19
C LYS B 127 19.30 31.45 6.37
N THR B 128 19.24 30.84 7.57
CA THR B 128 20.08 29.70 7.86
C THR B 128 19.38 28.75 8.82
N TRP B 129 19.88 27.52 8.86
CA TRP B 129 19.33 26.49 9.72
C TRP B 129 19.86 26.53 11.14
N GLU B 130 21.06 27.08 11.32
CA GLU B 130 21.66 27.16 12.65
C GLU B 130 20.96 28.25 13.48
N GLU B 131 20.54 29.32 12.81
CA GLU B 131 19.86 30.42 13.48
C GLU B 131 18.38 30.11 13.59
N ILE B 132 18.06 28.87 13.92
CA ILE B 132 16.67 28.46 14.04
C ILE B 132 16.37 27.78 15.36
N PRO B 133 17.26 26.89 15.83
CA PRO B 133 16.97 26.23 17.10
C PRO B 133 16.59 27.31 18.10
N ALA B 134 17.21 28.48 17.94
CA ALA B 134 16.97 29.63 18.79
C ALA B 134 15.63 30.26 18.47
N LEU B 135 15.40 30.57 17.21
CA LEU B 135 14.15 31.18 16.80
C LEU B 135 12.95 30.33 17.21
N ASP B 136 13.19 29.11 17.67
CA ASP B 136 12.10 28.24 18.09
C ASP B 136 11.66 28.59 19.51
N LYS B 137 12.62 28.75 20.42
CA LYS B 137 12.30 29.07 21.80
C LYS B 137 11.74 30.48 21.95
N GLU B 138 11.99 31.32 20.95
CA GLU B 138 11.49 32.70 20.95
C GLU B 138 10.03 32.75 20.51
N LEU B 139 9.64 31.82 19.66
CA LEU B 139 8.27 31.74 19.16
C LEU B 139 7.53 30.67 19.94
N LYS B 140 8.30 29.77 20.56
CA LYS B 140 7.75 28.70 21.39
C LYS B 140 7.33 29.44 22.66
N ALA B 141 7.91 30.62 22.81
CA ALA B 141 7.65 31.49 23.95
C ALA B 141 6.22 31.99 23.85
N LYS B 142 5.92 32.76 22.79
CA LYS B 142 4.57 33.29 22.63
C LYS B 142 3.56 32.22 22.20
N GLY B 143 3.78 31.00 22.69
CA GLY B 143 2.91 29.88 22.39
C GLY B 143 2.83 29.41 20.95
N LYS B 144 3.99 29.25 20.30
CA LYS B 144 4.02 28.81 18.91
C LYS B 144 5.17 27.83 18.66
N SER B 145 5.48 27.61 17.38
CA SER B 145 6.56 26.72 16.98
C SER B 145 7.26 27.38 15.79
N ALA B 146 8.57 27.24 15.74
CA ALA B 146 9.35 27.83 14.65
C ALA B 146 9.07 27.18 13.30
N LEU B 147 9.41 25.89 13.18
CA LEU B 147 9.21 25.16 11.94
C LEU B 147 8.33 23.93 12.10
N MET B 148 7.70 23.56 11.00
CA MET B 148 6.81 22.41 10.95
C MET B 148 6.63 22.02 9.48
N PHE B 149 7.32 20.97 9.05
CA PHE B 149 7.19 20.48 7.67
C PHE B 149 7.14 18.96 7.74
N ASN B 150 6.85 18.32 6.61
CA ASN B 150 6.76 16.85 6.57
C ASN B 150 8.09 16.14 6.87
N LEU B 151 8.12 15.35 7.94
CA LEU B 151 9.32 14.61 8.32
C LEU B 151 9.22 13.12 7.97
N GLN B 152 8.14 12.77 7.29
CA GLN B 152 7.92 11.39 6.91
C GLN B 152 8.49 11.03 5.54
N GLU B 153 8.30 11.90 4.55
CA GLU B 153 8.82 11.72 3.19
C GLU B 153 10.18 12.38 3.03
N PRO B 154 11.21 11.59 2.69
CA PRO B 154 12.58 12.09 2.49
C PRO B 154 12.78 13.18 1.41
N TYR B 155 11.69 13.55 0.74
CA TYR B 155 11.77 14.58 -0.28
C TYR B 155 11.95 15.92 0.40
N PHE B 156 11.45 16.02 1.62
CA PHE B 156 11.53 17.26 2.38
C PHE B 156 12.80 17.38 3.19
N THR B 157 13.27 16.27 3.74
CA THR B 157 14.48 16.34 4.54
C THR B 157 15.74 16.19 3.71
N TRP B 158 15.58 15.91 2.42
CA TRP B 158 16.75 15.74 1.57
C TRP B 158 17.50 17.04 1.38
N PRO B 159 16.78 18.13 1.04
CA PRO B 159 17.45 19.41 0.85
C PRO B 159 18.50 19.68 1.93
N LEU B 160 18.17 19.37 3.18
CA LEU B 160 19.09 19.61 4.28
C LEU B 160 20.29 18.65 4.24
N ILE B 161 20.02 17.39 3.94
CA ILE B 161 21.08 16.38 3.88
C ILE B 161 21.96 16.62 2.65
N ALA B 162 21.34 17.14 1.60
CA ALA B 162 22.03 17.42 0.34
C ALA B 162 22.93 18.64 0.49
N ALA B 163 22.32 19.76 0.90
CA ALA B 163 22.99 21.03 1.08
C ALA B 163 24.50 20.91 1.32
N ASP B 164 24.89 20.21 2.37
CA ASP B 164 26.30 20.08 2.71
C ASP B 164 27.04 18.88 2.12
N GLY B 165 26.69 18.47 0.91
CA GLY B 165 27.40 17.35 0.32
C GLY B 165 26.70 16.00 0.24
N GLY B 166 25.40 15.97 0.53
CA GLY B 166 24.70 14.72 0.41
C GLY B 166 24.34 14.62 -1.05
N TYR B 167 24.39 13.41 -1.61
CA TYR B 167 24.02 13.22 -3.01
C TYR B 167 23.51 11.82 -3.27
N ALA B 168 22.63 11.71 -4.27
CA ALA B 168 22.08 10.43 -4.64
C ALA B 168 23.24 9.53 -5.13
N PHE B 169 23.35 9.42 -6.45
CA PHE B 169 24.40 8.62 -7.10
C PHE B 169 25.33 9.58 -7.81
N LYS B 170 26.63 9.48 -7.50
CA LYS B 170 27.63 10.34 -8.10
C LYS B 170 27.42 10.52 -9.61
N TYR B 171 27.58 11.75 -10.07
CA TYR B 171 27.41 12.03 -11.48
C TYR B 171 28.69 12.65 -12.02
N GLU B 172 28.97 12.41 -13.31
CA GLU B 172 30.18 12.94 -13.95
C GLU B 172 30.10 13.13 -15.48
N ASN B 173 30.50 12.10 -16.23
CA ASN B 173 30.51 12.15 -17.68
C ASN B 173 29.16 11.84 -18.33
N GLY B 174 28.10 12.40 -17.76
CA GLY B 174 26.77 12.16 -18.31
C GLY B 174 26.10 10.90 -17.82
N LYS B 175 26.79 10.14 -16.98
CA LYS B 175 26.27 8.88 -16.43
C LYS B 175 26.26 8.91 -14.92
N TYR B 176 25.47 8.03 -14.31
CA TYR B 176 25.39 7.96 -12.86
C TYR B 176 26.07 6.68 -12.39
N ASP B 177 27.00 6.80 -11.44
CA ASP B 177 27.68 5.63 -10.93
C ASP B 177 26.86 5.11 -9.77
N ILE B 178 25.89 4.26 -10.07
CA ILE B 178 25.00 3.72 -9.05
C ILE B 178 25.72 3.02 -7.94
N LYS B 179 27.02 2.84 -8.11
CA LYS B 179 27.82 2.19 -7.08
C LYS B 179 28.29 3.26 -6.10
N ASP B 180 28.46 4.48 -6.60
CA ASP B 180 28.92 5.61 -5.79
C ASP B 180 27.73 6.28 -5.14
N VAL B 181 27.45 5.91 -3.91
CA VAL B 181 26.31 6.47 -3.22
C VAL B 181 26.73 7.43 -2.13
N GLY B 182 26.29 8.67 -2.28
CA GLY B 182 26.64 9.69 -1.31
C GLY B 182 25.55 10.04 -0.32
N VAL B 183 25.37 9.18 0.67
CA VAL B 183 24.36 9.41 1.68
C VAL B 183 24.96 9.07 3.03
N ASP B 184 26.17 8.53 3.01
CA ASP B 184 26.85 8.16 4.23
C ASP B 184 28.15 8.95 4.32
N ASN B 185 28.21 10.08 3.62
CA ASN B 185 29.41 10.90 3.67
C ASN B 185 29.29 11.88 4.83
N ALA B 186 30.28 12.77 4.96
CA ALA B 186 30.26 13.74 6.03
C ALA B 186 29.11 14.73 5.88
N GLY B 187 28.95 15.27 4.67
CA GLY B 187 27.88 16.22 4.42
C GLY B 187 26.49 15.68 4.69
N ALA B 188 26.29 14.40 4.35
CA ALA B 188 25.02 13.74 4.58
C ALA B 188 24.78 13.60 6.08
N LYS B 189 25.70 12.91 6.75
CA LYS B 189 25.58 12.72 8.20
C LYS B 189 25.28 14.05 8.89
N ALA B 190 26.02 15.09 8.50
CA ALA B 190 25.87 16.42 9.06
C ALA B 190 24.42 16.89 9.12
N GLY B 191 23.84 17.16 7.95
CA GLY B 191 22.46 17.63 7.86
C GLY B 191 21.42 16.78 8.56
N LEU B 192 21.61 15.47 8.55
CA LEU B 192 20.67 14.58 9.21
C LEU B 192 20.80 14.73 10.70
N THR B 193 22.02 14.66 11.20
CA THR B 193 22.30 14.81 12.62
C THR B 193 21.65 16.08 13.11
N PHE B 194 21.69 17.12 12.28
CA PHE B 194 21.07 18.36 12.67
C PHE B 194 19.58 18.13 12.81
N LEU B 195 18.95 17.62 11.76
CA LEU B 195 17.51 17.36 11.82
C LEU B 195 17.17 16.52 13.05
N VAL B 196 17.94 15.48 13.27
CA VAL B 196 17.76 14.59 14.41
C VAL B 196 17.68 15.45 15.67
N ASP B 197 18.76 16.18 15.95
CA ASP B 197 18.82 17.04 17.13
C ASP B 197 17.71 18.07 17.23
N LEU B 198 17.35 18.70 16.12
CA LEU B 198 16.28 19.69 16.17
C LEU B 198 15.10 19.06 16.89
N ILE B 199 14.99 17.74 16.79
CA ILE B 199 13.91 17.04 17.45
C ILE B 199 14.27 16.80 18.91
N LYS B 200 15.44 16.20 19.15
CA LYS B 200 15.88 15.93 20.52
C LYS B 200 15.66 17.14 21.42
N ASN B 201 15.95 18.32 20.89
CA ASN B 201 15.79 19.57 21.61
C ASN B 201 14.37 20.10 21.52
N LYS B 202 13.41 19.18 21.48
CA LYS B 202 11.98 19.50 21.40
C LYS B 202 11.64 20.76 20.60
N HIS B 203 12.10 20.80 19.35
CA HIS B 203 11.82 21.95 18.49
C HIS B 203 10.74 21.51 17.50
N MET B 204 10.77 20.22 17.17
CA MET B 204 9.79 19.58 16.28
C MET B 204 9.87 18.07 16.53
N ASN B 205 8.72 17.39 16.45
CA ASN B 205 8.66 15.97 16.71
C ASN B 205 8.75 15.04 15.50
N ALA B 206 9.34 13.88 15.71
CA ALA B 206 9.55 12.91 14.64
C ALA B 206 8.29 12.48 13.89
N ASP B 207 7.11 12.75 14.43
CA ASP B 207 5.91 12.33 13.72
C ASP B 207 5.16 13.39 12.92
N THR B 208 5.76 14.56 12.77
CA THR B 208 5.14 15.63 11.99
C THR B 208 4.90 15.01 10.61
N ASP B 209 3.95 15.54 9.85
CA ASP B 209 3.70 14.99 8.51
C ASP B 209 3.04 16.07 7.67
N TYR B 210 2.86 15.81 6.37
CA TYR B 210 2.27 16.82 5.48
C TYR B 210 0.99 17.40 6.07
N SER B 211 0.05 16.53 6.39
CA SER B 211 -1.22 16.96 6.98
C SER B 211 -1.01 17.85 8.20
N ILE B 212 -0.32 17.32 9.21
CA ILE B 212 -0.04 18.04 10.45
C ILE B 212 0.58 19.41 10.18
N ALA B 213 1.76 19.41 9.58
CA ALA B 213 2.48 20.63 9.27
C ALA B 213 1.68 21.63 8.44
N GLU B 214 0.88 21.15 7.49
CA GLU B 214 0.11 22.07 6.66
C GLU B 214 -0.91 22.86 7.47
N ALA B 215 -1.65 22.19 8.33
CA ALA B 215 -2.63 22.88 9.17
C ALA B 215 -1.84 23.78 10.13
N ALA B 216 -0.93 23.18 10.86
CA ALA B 216 -0.10 23.90 11.81
C ALA B 216 0.34 25.26 11.26
N PHE B 217 0.62 25.33 9.97
CA PHE B 217 1.07 26.58 9.36
C PHE B 217 -0.10 27.48 8.95
N ASN B 218 -1.08 26.88 8.28
CA ASN B 218 -2.26 27.60 7.81
C ASN B 218 -3.13 28.10 8.96
N LYS B 219 -2.99 27.47 10.13
CA LYS B 219 -3.76 27.87 11.32
C LYS B 219 -2.89 28.73 12.24
N GLY B 220 -1.83 29.30 11.67
CA GLY B 220 -0.93 30.17 12.41
C GLY B 220 -0.10 29.55 13.52
N GLU B 221 -0.36 28.29 13.85
CA GLU B 221 0.37 27.61 14.93
C GLU B 221 1.89 27.52 14.71
N THR B 222 2.34 27.62 13.46
CA THR B 222 3.77 27.56 13.17
C THR B 222 4.19 28.71 12.25
N ALA B 223 5.41 29.20 12.46
CA ALA B 223 5.96 30.33 11.72
C ALA B 223 6.36 30.02 10.28
N MET B 224 6.62 28.75 9.99
CA MET B 224 7.04 28.37 8.65
C MET B 224 7.01 26.88 8.38
N THR B 225 6.86 26.54 7.11
CA THR B 225 6.83 25.16 6.65
C THR B 225 7.77 25.05 5.45
N ILE B 226 7.94 23.84 4.96
CA ILE B 226 8.78 23.58 3.80
C ILE B 226 7.86 22.89 2.81
N ASN B 227 7.60 23.51 1.67
CA ASN B 227 6.71 22.89 0.70
C ASN B 227 6.80 23.47 -0.70
N GLY B 228 5.96 22.97 -1.60
CA GLY B 228 5.99 23.44 -2.97
C GLY B 228 4.69 24.00 -3.49
N PRO B 229 4.72 24.59 -4.69
CA PRO B 229 3.58 25.20 -5.39
C PRO B 229 2.17 24.64 -5.11
N TRP B 230 2.03 23.33 -5.12
CA TRP B 230 0.73 22.69 -4.90
C TRP B 230 0.09 23.05 -3.57
N ALA B 231 0.91 23.43 -2.60
CA ALA B 231 0.45 23.77 -1.26
C ALA B 231 0.01 25.23 -1.10
N TRP B 232 0.36 26.06 -2.08
CA TRP B 232 -0.01 27.46 -2.03
C TRP B 232 -1.53 27.65 -2.08
N SER B 233 -2.25 26.76 -2.75
CA SER B 233 -3.69 26.88 -2.86
C SER B 233 -4.37 26.96 -1.49
N ASN B 234 -4.02 26.03 -0.63
CA ASN B 234 -4.58 25.98 0.71
C ASN B 234 -4.22 27.21 1.51
N ILE B 235 -2.95 27.58 1.50
CA ILE B 235 -2.51 28.76 2.23
C ILE B 235 -3.21 30.00 1.70
N ASP B 236 -3.58 29.98 0.42
CA ASP B 236 -4.26 31.11 -0.21
C ASP B 236 -5.64 31.40 0.38
N THR B 237 -6.48 30.38 0.44
CA THR B 237 -7.80 30.59 1.01
C THR B 237 -7.67 30.65 2.55
N SER B 238 -6.58 30.08 3.07
CA SER B 238 -6.30 30.14 4.51
C SER B 238 -5.91 31.58 4.77
N LYS B 239 -5.97 32.36 3.68
CA LYS B 239 -5.65 33.77 3.65
C LYS B 239 -4.71 34.23 4.76
N VAL B 240 -3.48 33.77 4.68
CA VAL B 240 -2.47 34.16 5.65
C VAL B 240 -1.52 35.05 4.88
N ASN B 241 -0.82 35.93 5.59
CA ASN B 241 0.13 36.79 4.91
C ASN B 241 1.44 36.01 4.97
N TYR B 242 1.64 35.18 3.95
CA TYR B 242 2.83 34.34 3.85
C TYR B 242 3.72 34.74 2.68
N GLY B 243 4.97 34.27 2.73
CA GLY B 243 5.92 34.56 1.68
C GLY B 243 6.67 33.28 1.35
N VAL B 244 7.02 33.13 0.08
CA VAL B 244 7.76 31.96 -0.40
C VAL B 244 9.20 32.38 -0.70
N THR B 245 10.17 31.68 -0.16
CA THR B 245 11.55 32.09 -0.39
C THR B 245 12.64 31.01 -0.30
N VAL B 246 13.89 31.46 -0.36
CA VAL B 246 15.06 30.61 -0.29
C VAL B 246 15.10 29.73 0.94
N LEU B 247 15.54 28.49 0.75
CA LEU B 247 15.66 27.56 1.83
C LEU B 247 16.89 27.94 2.61
N PRO B 248 16.77 28.03 3.93
CA PRO B 248 17.86 28.39 4.82
C PRO B 248 19.10 27.61 4.41
N THR B 249 20.27 28.19 4.58
CA THR B 249 21.47 27.46 4.21
C THR B 249 22.00 26.72 5.43
N PHE B 250 22.68 25.61 5.19
CA PHE B 250 23.24 24.79 6.27
C PHE B 250 24.75 24.79 6.14
N LYS B 251 25.43 24.87 7.28
CA LYS B 251 26.88 24.90 7.30
C LYS B 251 27.40 25.90 6.26
N GLY B 252 26.53 26.82 5.85
CA GLY B 252 26.90 27.82 4.87
C GLY B 252 26.43 27.55 3.46
N GLN B 253 26.24 26.28 3.11
CA GLN B 253 25.78 25.88 1.77
C GLN B 253 24.27 25.98 1.64
N PRO B 254 23.75 26.24 0.42
CA PRO B 254 22.30 26.33 0.25
C PRO B 254 21.69 24.94 0.32
N SER B 255 20.39 24.87 0.53
CA SER B 255 19.71 23.59 0.58
C SER B 255 19.53 23.13 -0.86
N LYS B 256 19.98 21.91 -1.15
CA LYS B 256 19.86 21.37 -2.50
C LYS B 256 18.63 20.48 -2.64
N PRO B 257 17.45 21.08 -2.87
CA PRO B 257 16.22 20.30 -3.00
C PRO B 257 16.15 19.52 -4.31
N PHE B 258 15.94 18.20 -4.24
CA PHE B 258 15.84 17.45 -5.47
C PHE B 258 14.68 18.08 -6.21
N VAL B 259 14.89 18.28 -7.50
CA VAL B 259 13.90 18.92 -8.35
C VAL B 259 13.19 17.90 -9.22
N GLY B 260 11.87 17.98 -9.26
CA GLY B 260 11.13 17.02 -10.05
C GLY B 260 10.33 17.64 -11.15
N VAL B 261 10.30 17.00 -12.32
CA VAL B 261 9.53 17.50 -13.44
C VAL B 261 8.27 16.68 -13.55
N LEU B 262 7.16 17.26 -13.10
CA LEU B 262 5.88 16.59 -13.18
C LEU B 262 5.70 16.28 -14.65
N SER B 263 5.69 15.00 -14.97
CA SER B 263 5.55 14.58 -16.36
C SER B 263 4.36 13.67 -16.49
N ALA B 264 3.89 13.53 -17.72
CA ALA B 264 2.77 12.67 -18.01
C ALA B 264 3.25 11.54 -18.90
N GLY B 265 3.30 10.33 -18.35
CA GLY B 265 3.70 9.19 -19.14
C GLY B 265 2.48 8.45 -19.63
N ILE B 266 2.54 7.91 -20.84
CA ILE B 266 1.42 7.15 -21.40
C ILE B 266 1.64 5.65 -21.17
N ASN B 267 0.68 4.96 -20.57
CA ASN B 267 0.82 3.53 -20.29
C ASN B 267 1.15 2.75 -21.57
N ALA B 268 2.17 1.88 -21.50
CA ALA B 268 2.56 1.10 -22.68
C ALA B 268 1.41 0.18 -23.11
N ALA B 269 0.65 -0.30 -22.12
CA ALA B 269 -0.48 -1.19 -22.37
C ALA B 269 -1.57 -0.47 -23.12
N SER B 270 -1.93 0.69 -22.63
CA SER B 270 -2.99 1.52 -23.22
C SER B 270 -3.25 1.37 -24.72
N PRO B 271 -4.53 1.41 -25.10
CA PRO B 271 -4.92 1.27 -26.50
C PRO B 271 -5.37 2.61 -27.06
N ASN B 272 -5.17 3.67 -26.27
CA ASN B 272 -5.60 5.01 -26.66
C ASN B 272 -4.48 6.00 -26.95
N LYS B 273 -3.25 5.49 -27.05
CA LYS B 273 -2.07 6.29 -27.30
C LYS B 273 -2.21 7.52 -28.20
N GLU B 274 -2.76 7.37 -29.39
CA GLU B 274 -2.91 8.54 -30.26
C GLU B 274 -3.73 9.62 -29.58
N LEU B 275 -4.71 9.19 -28.78
CA LEU B 275 -5.60 10.10 -28.08
C LEU B 275 -4.89 10.78 -26.93
N ALA B 276 -4.15 10.01 -26.17
CA ALA B 276 -3.42 10.56 -25.03
C ALA B 276 -2.41 11.57 -25.52
N LYS B 277 -1.73 11.22 -26.61
CA LYS B 277 -0.73 12.09 -27.21
C LYS B 277 -1.40 13.38 -27.65
N GLU B 278 -2.60 13.25 -28.20
CA GLU B 278 -3.35 14.42 -28.64
C GLU B 278 -3.84 15.27 -27.46
N PHE B 279 -4.23 14.61 -26.38
CA PHE B 279 -4.71 15.31 -25.21
C PHE B 279 -3.59 16.16 -24.62
N LEU B 280 -2.49 15.49 -24.29
CA LEU B 280 -1.33 16.15 -23.72
C LEU B 280 -0.65 17.18 -24.64
N GLU B 281 -0.53 16.88 -25.92
CA GLU B 281 0.10 17.82 -26.84
C GLU B 281 -0.79 18.99 -27.26
N ASN B 282 -2.02 18.69 -27.63
CA ASN B 282 -2.93 19.72 -28.11
C ASN B 282 -3.80 20.41 -27.06
N TYR B 283 -4.02 19.75 -25.93
CA TYR B 283 -4.87 20.33 -24.90
C TYR B 283 -4.20 20.70 -23.60
N LEU B 284 -3.54 19.75 -22.97
CA LEU B 284 -2.90 20.03 -21.70
C LEU B 284 -1.72 20.98 -21.79
N LEU B 285 -0.86 20.79 -22.77
CA LEU B 285 0.30 21.65 -22.90
C LEU B 285 0.03 22.82 -23.82
N THR B 286 -0.98 23.61 -23.42
CA THR B 286 -1.37 24.85 -24.09
C THR B 286 -1.52 25.81 -22.92
N ASP B 287 -1.60 27.11 -23.20
CA ASP B 287 -1.73 28.09 -22.11
C ASP B 287 -3.02 27.87 -21.33
N GLU B 288 -4.15 27.75 -22.02
CA GLU B 288 -5.41 27.53 -21.30
C GLU B 288 -5.22 26.31 -20.40
N GLY B 289 -5.07 25.15 -21.06
CA GLY B 289 -4.90 23.90 -20.36
C GLY B 289 -4.05 23.96 -19.11
N LEU B 290 -2.86 24.54 -19.20
CA LEU B 290 -1.99 24.62 -18.05
C LEU B 290 -2.54 25.56 -16.98
N GLU B 291 -3.10 26.69 -17.39
CA GLU B 291 -3.62 27.60 -16.39
C GLU B 291 -4.86 26.99 -15.76
N ALA B 292 -5.64 26.29 -16.57
CA ALA B 292 -6.82 25.62 -16.06
C ALA B 292 -6.44 24.85 -14.80
N VAL B 293 -5.33 24.12 -14.88
CA VAL B 293 -4.86 23.33 -13.75
C VAL B 293 -4.18 24.20 -12.72
N ASN B 294 -3.43 25.20 -13.19
CA ASN B 294 -2.70 26.07 -12.27
C ASN B 294 -3.68 26.73 -11.31
N LYS B 295 -4.88 27.01 -11.82
CA LYS B 295 -5.93 27.62 -11.00
C LYS B 295 -6.22 26.69 -9.82
N ASP B 296 -6.58 25.45 -10.12
CA ASP B 296 -6.87 24.45 -9.10
C ASP B 296 -5.72 24.37 -8.09
N LYS B 297 -4.50 24.09 -8.59
CA LYS B 297 -3.30 24.03 -7.76
C LYS B 297 -2.14 24.52 -8.59
N PRO B 298 -1.19 25.22 -7.94
CA PRO B 298 0.00 25.75 -8.63
C PRO B 298 0.89 24.67 -9.18
N LEU B 299 1.25 24.80 -10.45
CA LEU B 299 2.13 23.83 -11.09
C LEU B 299 3.56 24.26 -10.82
N GLY B 300 3.73 25.56 -10.58
CA GLY B 300 5.05 26.06 -10.32
C GLY B 300 5.59 26.52 -11.65
N ALA B 301 6.89 26.33 -11.87
CA ALA B 301 7.51 26.76 -13.11
C ALA B 301 7.22 25.76 -14.23
N VAL B 302 6.13 26.00 -14.96
CA VAL B 302 5.73 25.12 -16.05
C VAL B 302 6.86 24.93 -17.08
N ALA B 303 6.77 23.85 -17.86
CA ALA B 303 7.78 23.53 -18.87
C ALA B 303 7.48 24.26 -20.17
N LEU B 304 6.20 24.56 -20.38
CA LEU B 304 5.77 25.25 -21.57
C LEU B 304 6.28 26.68 -21.55
N LYS B 305 7.24 26.96 -22.40
CA LYS B 305 7.86 28.28 -22.50
C LYS B 305 6.88 29.46 -22.41
N SER B 306 5.95 29.55 -23.35
CA SER B 306 4.98 30.65 -23.39
C SER B 306 4.38 31.02 -22.04
N TYR B 307 3.65 30.06 -21.46
CA TYR B 307 2.99 30.27 -20.18
C TYR B 307 3.95 30.52 -19.01
N GLU B 308 5.19 30.03 -19.10
CA GLU B 308 6.15 30.23 -18.02
C GLU B 308 6.65 31.67 -18.00
N GLU B 309 6.46 32.37 -19.11
CA GLU B 309 6.88 33.76 -19.22
C GLU B 309 5.79 34.67 -18.65
N GLU B 310 4.92 34.05 -17.88
CA GLU B 310 3.84 34.76 -17.22
C GLU B 310 4.02 34.40 -15.76
N LEU B 311 4.10 33.10 -15.50
CA LEU B 311 4.27 32.61 -14.13
C LEU B 311 5.57 33.15 -13.57
N ALA B 312 6.55 33.35 -14.46
CA ALA B 312 7.85 33.84 -14.04
C ALA B 312 7.75 35.22 -13.37
N LYS B 313 6.75 35.99 -13.77
CA LYS B 313 6.55 37.33 -13.20
C LYS B 313 6.43 37.17 -11.69
N ASP B 314 5.52 36.29 -11.27
CA ASP B 314 5.27 35.99 -9.86
C ASP B 314 6.57 35.74 -9.07
N PRO B 315 6.73 36.38 -7.89
CA PRO B 315 7.93 36.21 -7.05
C PRO B 315 7.99 34.83 -6.41
N ARG B 316 6.82 34.17 -6.33
CA ARG B 316 6.72 32.82 -5.75
C ARG B 316 7.44 31.85 -6.69
N ILE B 317 7.09 31.97 -7.97
CA ILE B 317 7.64 31.16 -9.04
C ILE B 317 9.14 31.42 -9.09
N ALA B 318 9.52 32.70 -9.13
CA ALA B 318 10.93 33.04 -9.19
C ALA B 318 11.67 32.51 -7.98
N ALA B 319 10.93 32.29 -6.89
CA ALA B 319 11.50 31.78 -5.64
C ALA B 319 11.74 30.28 -5.84
N THR B 320 10.73 29.63 -6.39
CA THR B 320 10.77 28.20 -6.70
C THR B 320 11.98 27.97 -7.61
N MET B 321 11.95 28.61 -8.78
CA MET B 321 13.03 28.50 -9.75
C MET B 321 14.37 28.85 -9.15
N GLU B 322 14.39 29.62 -8.07
CA GLU B 322 15.67 29.95 -7.47
C GLU B 322 16.14 28.74 -6.67
N ASN B 323 15.26 28.22 -5.83
CA ASN B 323 15.55 27.02 -5.03
C ASN B 323 15.98 25.90 -5.98
N ALA B 324 15.24 25.79 -7.09
CA ALA B 324 15.51 24.79 -8.12
C ALA B 324 17.00 24.81 -8.45
N GLN B 325 17.47 25.92 -9.00
CA GLN B 325 18.87 26.07 -9.38
C GLN B 325 19.85 25.61 -8.32
N LYS B 326 19.61 25.97 -7.06
CA LYS B 326 20.48 25.59 -5.93
C LYS B 326 20.44 24.09 -5.65
N GLY B 327 19.35 23.46 -6.07
CA GLY B 327 19.23 22.02 -5.89
C GLY B 327 19.64 21.32 -7.16
N GLU B 328 19.59 19.99 -7.16
CA GLU B 328 19.95 19.27 -8.36
C GLU B 328 18.72 18.64 -8.96
N ILE B 329 18.80 18.32 -10.24
CA ILE B 329 17.66 17.70 -10.90
C ILE B 329 17.71 16.24 -10.48
N MET B 330 16.54 15.67 -10.17
CA MET B 330 16.50 14.27 -9.76
C MET B 330 16.84 13.35 -10.90
N PRO B 331 17.63 12.30 -10.63
CA PRO B 331 17.98 11.35 -11.72
C PRO B 331 16.67 10.61 -12.07
N ASN B 332 16.52 10.16 -13.32
CA ASN B 332 15.31 9.43 -13.68
C ASN B 332 15.60 7.92 -13.72
N ILE B 333 16.85 7.55 -13.45
CA ILE B 333 17.29 6.14 -13.47
C ILE B 333 16.53 5.26 -12.49
N PRO B 334 16.35 3.97 -12.85
CA PRO B 334 15.64 2.98 -12.03
C PRO B 334 16.05 2.85 -10.57
N GLN B 335 17.34 2.99 -10.29
CA GLN B 335 17.85 2.85 -8.93
C GLN B 335 17.35 3.96 -7.99
N MET B 336 16.58 4.89 -8.53
CA MET B 336 16.05 5.99 -7.73
C MET B 336 15.08 5.53 -6.64
N SER B 337 14.13 4.67 -6.97
CA SER B 337 13.17 4.17 -5.99
C SER B 337 13.91 3.52 -4.82
N ALA B 338 14.99 2.80 -5.15
CA ALA B 338 15.80 2.14 -4.12
C ALA B 338 16.44 3.22 -3.24
N PHE B 339 16.77 4.34 -3.87
CA PHE B 339 17.36 5.47 -3.16
C PHE B 339 16.36 6.04 -2.18
N TRP B 340 15.20 6.43 -2.70
CA TRP B 340 14.13 6.99 -1.90
C TRP B 340 13.80 6.12 -0.71
N TYR B 341 13.84 4.80 -0.90
CA TYR B 341 13.56 3.88 0.19
C TYR B 341 14.61 3.97 1.27
N ALA B 342 15.86 3.73 0.87
CA ALA B 342 16.98 3.76 1.81
C ALA B 342 16.93 5.01 2.66
N VAL B 343 16.65 6.13 2.02
CA VAL B 343 16.60 7.39 2.74
C VAL B 343 15.43 7.48 3.67
N ARG B 344 14.23 7.16 3.18
CA ARG B 344 13.01 7.19 4.00
C ARG B 344 13.26 6.48 5.32
N THR B 345 13.78 5.25 5.22
CA THR B 345 14.09 4.43 6.36
C THR B 345 15.03 5.16 7.29
N ALA B 346 16.25 5.42 6.81
CA ALA B 346 17.27 6.11 7.58
C ALA B 346 16.72 7.29 8.36
N VAL B 347 16.07 8.23 7.67
CA VAL B 347 15.52 9.41 8.32
C VAL B 347 14.57 9.05 9.46
N ILE B 348 13.47 8.37 9.11
CA ILE B 348 12.47 7.97 10.10
C ILE B 348 13.09 7.21 11.28
N ASN B 349 13.94 6.26 10.96
CA ASN B 349 14.62 5.44 11.97
C ASN B 349 15.51 6.21 12.93
N ALA B 350 16.14 7.28 12.44
CA ALA B 350 17.05 8.07 13.26
C ALA B 350 16.37 9.25 13.94
N ALA B 351 15.31 9.78 13.32
CA ALA B 351 14.57 10.90 13.89
C ALA B 351 13.78 10.37 15.07
N SER B 352 13.31 9.13 14.94
CA SER B 352 12.55 8.45 15.98
C SER B 352 13.45 8.18 17.18
N GLY B 353 14.67 7.72 16.93
CA GLY B 353 15.58 7.46 18.03
C GLY B 353 16.02 6.02 18.07
N ARG B 354 15.57 5.25 17.11
CA ARG B 354 15.93 3.84 17.02
C ARG B 354 17.37 3.64 16.55
N GLN B 355 17.90 4.64 15.85
CA GLN B 355 19.26 4.58 15.32
C GLN B 355 20.02 5.91 15.33
N THR B 356 21.34 5.80 15.49
CA THR B 356 22.22 6.96 15.48
C THR B 356 22.51 7.21 14.00
N VAL B 357 22.38 8.46 13.57
CA VAL B 357 22.61 8.83 12.18
C VAL B 357 23.59 7.91 11.45
N ASP B 358 24.76 7.69 12.05
CA ASP B 358 25.77 6.82 11.46
C ASP B 358 25.10 5.54 10.95
N GLU B 359 24.52 4.81 11.89
CA GLU B 359 23.84 3.57 11.62
C GLU B 359 22.82 3.74 10.50
N ALA B 360 21.85 4.62 10.73
CA ALA B 360 20.80 4.87 9.76
C ALA B 360 21.36 5.03 8.35
N LEU B 361 22.41 5.84 8.23
CA LEU B 361 23.02 6.11 6.94
C LEU B 361 23.91 5.01 6.37
N ALA B 362 24.60 4.28 7.23
CA ALA B 362 25.46 3.21 6.71
C ALA B 362 24.55 2.17 6.08
N ALA B 363 23.44 1.90 6.75
CA ALA B 363 22.46 0.94 6.26
C ALA B 363 21.86 1.55 5.01
N ALA B 364 21.49 2.83 5.12
CA ALA B 364 20.90 3.57 4.01
C ALA B 364 21.78 3.55 2.76
N GLN B 365 23.09 3.70 2.94
CA GLN B 365 23.98 3.70 1.81
C GLN B 365 23.93 2.34 1.13
N THR B 366 24.04 1.30 1.94
CA THR B 366 24.01 -0.09 1.47
C THR B 366 22.74 -0.33 0.66
N ASN B 367 21.63 0.02 1.28
CA ASN B 367 20.32 -0.16 0.69
C ASN B 367 20.13 0.61 -0.60
N ALA B 368 20.54 1.87 -0.61
CA ALA B 368 20.40 2.70 -1.81
C ALA B 368 21.09 2.11 -3.05
N ALA B 369 22.18 1.39 -2.83
CA ALA B 369 22.97 0.80 -3.91
C ALA B 369 22.79 -0.69 -4.13
N ALA B 370 22.14 -1.37 -3.18
CA ALA B 370 21.91 -2.82 -3.30
C ALA B 370 21.28 -3.04 -4.67
N GLU B 371 21.66 -4.11 -5.35
CA GLU B 371 21.10 -4.35 -6.68
C GLU B 371 19.65 -4.80 -6.59
N PHE B 372 19.33 -5.52 -5.52
CA PHE B 372 18.00 -6.06 -5.33
C PHE B 372 17.29 -5.74 -4.01
N MET B 373 16.00 -5.45 -4.17
CA MET B 373 15.08 -5.19 -3.07
C MET B 373 14.51 -6.60 -2.78
N SER B 374 14.92 -7.26 -1.69
CA SER B 374 14.40 -8.61 -1.44
C SER B 374 12.88 -8.63 -1.21
N LYS B 375 12.19 -9.40 -2.05
CA LYS B 375 10.74 -9.51 -2.02
C LYS B 375 10.22 -10.76 -1.27
N ILE B 376 11.10 -11.43 -0.54
CA ILE B 376 10.74 -12.67 0.15
C ILE B 376 10.75 -12.50 1.69
N ASN B 377 9.59 -12.70 2.31
CA ASN B 377 9.47 -12.57 3.76
C ASN B 377 9.22 -13.91 4.47
N ASP B 378 8.21 -14.64 4.01
CA ASP B 378 7.82 -15.94 4.55
C ASP B 378 8.60 -17.02 3.86
N ILE B 379 8.65 -18.21 4.46
CA ILE B 379 9.31 -19.29 3.76
C ILE B 379 8.26 -19.64 2.71
N ASN B 380 7.02 -19.21 2.95
CA ASN B 380 5.97 -19.48 1.99
C ASN B 380 6.25 -18.63 0.76
N ASP B 381 6.84 -17.47 0.99
CA ASP B 381 7.20 -16.59 -0.12
C ASP B 381 8.36 -17.24 -0.81
N LEU B 382 9.23 -17.88 -0.02
CA LEU B 382 10.40 -18.58 -0.54
C LEU B 382 9.91 -19.68 -1.48
N VAL B 383 9.07 -20.56 -0.95
CA VAL B 383 8.49 -21.64 -1.71
C VAL B 383 7.80 -21.06 -2.96
N ASN B 384 7.00 -20.04 -2.72
CA ASN B 384 6.29 -19.34 -3.79
C ASN B 384 7.31 -18.97 -4.89
N ALA B 385 8.36 -18.24 -4.48
CA ALA B 385 9.43 -17.78 -5.36
C ALA B 385 10.12 -18.92 -6.07
N THR B 386 10.52 -19.92 -5.29
CA THR B 386 11.22 -21.07 -5.85
C THR B 386 10.41 -21.76 -6.92
N PHE B 387 9.12 -21.87 -6.67
CA PHE B 387 8.23 -22.49 -7.62
C PHE B 387 8.20 -21.71 -8.92
N GLN B 388 8.15 -20.40 -8.80
CA GLN B 388 8.09 -19.52 -9.95
C GLN B 388 9.35 -19.68 -10.80
N VAL B 389 10.48 -19.57 -10.12
CA VAL B 389 11.80 -19.69 -10.75
C VAL B 389 11.91 -21.01 -11.48
N LYS B 390 11.90 -22.09 -10.70
CA LYS B 390 11.99 -23.47 -11.19
C LYS B 390 11.13 -23.65 -12.42
N LYS B 391 9.92 -23.09 -12.38
CA LYS B 391 9.02 -23.20 -13.50
C LYS B 391 9.60 -22.46 -14.70
N PHE B 392 9.97 -21.21 -14.48
CA PHE B 392 10.52 -20.39 -15.54
C PHE B 392 11.59 -21.05 -16.41
N PHE B 393 12.65 -21.54 -15.78
CA PHE B 393 13.73 -22.16 -16.52
C PHE B 393 13.29 -23.37 -17.31
N ARG B 394 12.53 -24.26 -16.67
CA ARG B 394 12.05 -25.47 -17.33
C ARG B 394 11.24 -25.17 -18.58
N ASP B 395 10.52 -24.04 -18.59
CA ASP B 395 9.72 -23.63 -19.74
C ASP B 395 10.57 -23.04 -20.87
N THR B 396 11.73 -22.49 -20.51
CA THR B 396 12.62 -21.88 -21.47
C THR B 396 13.83 -22.75 -21.74
N LYS B 397 13.81 -23.98 -21.21
CA LYS B 397 14.93 -24.89 -21.40
C LYS B 397 15.21 -25.20 -22.87
N LYS B 398 14.20 -25.73 -23.56
CA LYS B 398 14.36 -26.06 -24.97
C LYS B 398 14.89 -24.81 -25.70
N LYS B 399 13.99 -24.04 -26.31
CA LYS B 399 14.36 -22.82 -27.06
C LYS B 399 15.61 -22.10 -26.48
N PHE B 400 15.35 -21.22 -25.52
CA PHE B 400 16.30 -20.39 -24.78
C PHE B 400 17.05 -21.17 -23.69
N ASN B 401 18.06 -21.96 -24.02
CA ASN B 401 18.76 -22.71 -22.97
C ASN B 401 19.61 -21.82 -22.05
N LEU B 402 19.10 -20.63 -21.75
CA LEU B 402 19.80 -19.66 -20.91
C LEU B 402 19.67 -19.96 -19.42
N ASN B 403 20.75 -20.43 -18.79
CA ASN B 403 20.70 -20.73 -17.37
C ASN B 403 20.62 -19.45 -16.54
N TYR B 404 20.48 -19.59 -15.21
CA TYR B 404 20.39 -18.44 -14.32
C TYR B 404 21.54 -17.48 -14.53
N GLU B 405 22.74 -17.94 -14.16
CA GLU B 405 23.92 -17.12 -14.30
C GLU B 405 23.89 -16.31 -15.61
N GLU B 406 23.53 -16.92 -16.71
CA GLU B 406 23.48 -16.17 -17.96
C GLU B 406 22.45 -15.05 -17.89
N ILE B 407 21.21 -15.43 -17.62
CA ILE B 407 20.10 -14.46 -17.50
C ILE B 407 20.49 -13.30 -16.58
N TYR B 408 21.15 -13.64 -15.48
CA TYR B 408 21.59 -12.67 -14.50
C TYR B 408 22.42 -11.59 -15.13
N ILE B 409 23.37 -12.03 -15.94
CA ILE B 409 24.30 -11.19 -16.67
C ILE B 409 23.59 -10.27 -17.65
N LEU B 410 22.94 -10.85 -18.65
CA LEU B 410 22.21 -10.07 -19.62
C LEU B 410 21.34 -9.02 -18.95
N ASN B 411 20.82 -9.33 -17.77
CA ASN B 411 19.98 -8.39 -17.05
C ASN B 411 20.84 -7.27 -16.46
N HIS B 412 21.88 -7.67 -15.72
CA HIS B 412 22.82 -6.73 -15.09
C HIS B 412 23.32 -5.73 -16.14
N ILE B 413 23.50 -6.24 -17.34
CA ILE B 413 23.96 -5.45 -18.48
C ILE B 413 22.88 -4.48 -18.91
N LEU B 414 21.67 -4.99 -19.15
CA LEU B 414 20.55 -4.16 -19.59
C LEU B 414 20.20 -3.06 -18.60
N ARG B 415 20.37 -3.34 -17.31
CA ARG B 415 20.06 -2.36 -16.29
C ARG B 415 21.29 -1.54 -15.96
N SER B 416 22.25 -1.53 -16.87
CA SER B 416 23.50 -0.81 -16.69
C SER B 416 23.58 0.48 -17.52
N GLU B 417 24.18 1.52 -16.94
CA GLU B 417 24.37 2.79 -17.64
C GLU B 417 25.51 2.63 -18.63
N SER B 418 26.56 1.93 -18.18
CA SER B 418 27.76 1.70 -18.98
C SER B 418 27.64 0.57 -20.01
N ASN B 419 28.46 0.66 -21.04
CA ASN B 419 28.51 -0.34 -22.13
C ASN B 419 29.71 -1.25 -21.95
N GLU B 420 30.35 -1.13 -20.79
CA GLU B 420 31.53 -1.91 -20.45
C GLU B 420 31.48 -2.26 -18.96
N ILE B 421 31.56 -3.55 -18.64
CA ILE B 421 31.53 -3.95 -17.24
C ILE B 421 32.62 -4.96 -16.96
N SER B 422 33.02 -5.05 -15.70
CA SER B 422 34.10 -5.95 -15.30
C SER B 422 33.64 -7.16 -14.53
N SER B 423 34.32 -8.27 -14.78
CA SER B 423 34.04 -9.52 -14.10
C SER B 423 33.91 -9.27 -12.59
N LYS B 424 34.54 -8.20 -12.10
CA LYS B 424 34.45 -7.88 -10.68
C LYS B 424 33.04 -7.45 -10.29
N GLU B 425 32.48 -6.54 -11.07
CA GLU B 425 31.13 -6.03 -10.87
C GLU B 425 30.16 -7.21 -10.80
N ILE B 426 30.09 -7.94 -11.90
CA ILE B 426 29.23 -9.09 -12.03
C ILE B 426 29.55 -10.17 -11.01
N ALA B 427 30.72 -10.09 -10.39
CA ALA B 427 31.11 -11.09 -9.40
C ALA B 427 30.75 -10.63 -8.00
N LYS B 428 31.09 -9.39 -7.66
CA LYS B 428 30.75 -8.86 -6.35
C LYS B 428 29.24 -8.96 -6.22
N CYS B 429 28.55 -8.51 -7.28
CA CYS B 429 27.10 -8.56 -7.31
C CYS B 429 26.74 -9.94 -7.83
N SER B 430 26.12 -10.75 -6.97
CA SER B 430 25.72 -12.14 -7.26
C SER B 430 26.76 -13.04 -6.65
N GLU B 431 26.37 -13.79 -5.63
CA GLU B 431 27.30 -14.68 -4.97
C GLU B 431 27.84 -15.75 -5.92
N PHE B 432 27.82 -15.43 -7.22
CA PHE B 432 28.29 -16.35 -8.24
C PHE B 432 29.59 -17.09 -7.94
N LYS B 433 29.82 -18.13 -8.74
CA LYS B 433 30.98 -18.99 -8.66
C LYS B 433 31.92 -18.56 -9.78
N PRO B 434 33.20 -18.30 -9.46
CA PRO B 434 34.12 -17.89 -10.52
C PRO B 434 34.04 -18.83 -11.72
N TYR B 435 33.81 -20.10 -11.42
CA TYR B 435 33.71 -21.15 -12.43
C TYR B 435 32.53 -20.93 -13.40
N TYR B 436 31.35 -20.67 -12.83
CA TYR B 436 30.15 -20.45 -13.63
C TYR B 436 30.14 -19.06 -14.26
N LEU B 437 30.61 -18.08 -13.49
CA LEU B 437 30.66 -16.69 -13.95
C LEU B 437 31.34 -16.69 -15.31
N THR B 438 32.56 -17.21 -15.32
CA THR B 438 33.39 -17.29 -16.52
C THR B 438 32.76 -18.19 -17.57
N LYS B 439 32.27 -19.35 -17.12
CA LYS B 439 31.65 -20.27 -18.04
C LYS B 439 30.45 -19.59 -18.72
N ALA B 440 29.76 -18.75 -17.94
CA ALA B 440 28.57 -18.01 -18.39
C ALA B 440 28.88 -16.87 -19.36
N LEU B 441 29.87 -16.05 -19.02
CA LEU B 441 30.28 -14.96 -19.89
C LEU B 441 30.66 -15.61 -21.20
N GLN B 442 31.37 -16.73 -21.08
CA GLN B 442 31.79 -17.47 -22.24
C GLN B 442 30.54 -17.91 -23.01
N LYS B 443 29.67 -18.68 -22.34
CA LYS B 443 28.44 -19.16 -22.93
C LYS B 443 27.69 -18.12 -23.78
N LEU B 444 27.67 -16.87 -23.30
CA LEU B 444 27.01 -15.76 -24.00
C LEU B 444 27.89 -15.24 -25.12
N LYS B 445 29.20 -15.20 -24.86
CA LYS B 445 30.17 -14.73 -25.85
C LYS B 445 30.01 -15.60 -27.09
N ASP B 446 30.09 -16.91 -26.89
CA ASP B 446 29.95 -17.88 -27.97
C ASP B 446 28.70 -17.57 -28.74
N LEU B 447 27.82 -16.79 -28.14
CA LEU B 447 26.59 -16.36 -28.78
C LEU B 447 26.90 -14.97 -29.29
N LYS B 448 26.42 -14.66 -30.50
CA LYS B 448 26.66 -13.37 -31.10
C LYS B 448 25.79 -12.27 -30.49
N LEU B 449 26.01 -11.95 -29.22
CA LEU B 449 25.21 -10.91 -28.58
C LEU B 449 25.87 -10.38 -27.30
N LEU B 450 26.73 -11.18 -26.68
CA LEU B 450 27.42 -10.75 -25.47
C LEU B 450 28.48 -9.73 -25.85
N SER B 451 28.71 -9.60 -27.16
CA SER B 451 29.72 -8.70 -27.70
C SER B 451 31.10 -9.13 -27.18
N LYS B 452 32.11 -8.32 -27.42
CA LYS B 452 33.44 -8.68 -26.95
C LYS B 452 33.52 -8.64 -25.43
N LYS B 453 34.43 -9.43 -24.93
CA LYS B 453 34.73 -9.50 -23.52
C LYS B 453 36.20 -9.73 -23.71
N ARG B 454 37.04 -9.19 -22.85
CA ARG B 454 38.46 -9.43 -23.04
C ARG B 454 39.32 -9.07 -21.86
N SER B 455 40.34 -9.90 -21.67
CA SER B 455 41.31 -9.77 -20.59
C SER B 455 41.39 -8.35 -20.06
N LEU B 456 41.36 -8.22 -18.74
CA LEU B 456 41.45 -6.92 -18.13
C LEU B 456 42.80 -6.37 -18.56
N GLN B 457 43.23 -5.33 -17.88
CA GLN B 457 44.54 -4.77 -18.17
C GLN B 457 45.29 -5.39 -17.02
N ASP B 458 44.94 -4.92 -15.83
CA ASP B 458 45.51 -5.37 -14.56
C ASP B 458 45.48 -6.91 -14.58
N GLU B 459 44.53 -7.43 -15.36
CA GLU B 459 44.28 -8.85 -15.54
C GLU B 459 43.60 -9.53 -14.35
N ARG B 460 43.07 -10.71 -14.61
CA ARG B 460 42.37 -11.50 -13.60
C ARG B 460 40.97 -10.93 -13.40
N THR B 461 40.38 -10.30 -14.43
CA THR B 461 39.04 -9.74 -14.27
C THR B 461 38.38 -9.31 -15.58
N VAL B 462 38.52 -10.13 -16.62
CA VAL B 462 37.94 -9.86 -17.95
C VAL B 462 36.87 -8.75 -18.03
N ILE B 463 37.08 -7.81 -18.94
CA ILE B 463 36.17 -6.70 -19.16
C ILE B 463 35.09 -7.11 -20.17
N VAL B 464 33.82 -6.84 -19.84
CA VAL B 464 32.73 -7.18 -20.75
C VAL B 464 32.28 -5.93 -21.45
N TYR B 465 32.31 -5.99 -22.76
CA TYR B 465 31.91 -4.87 -23.58
C TYR B 465 30.73 -5.27 -24.42
N VAL B 466 29.78 -4.34 -24.56
CA VAL B 466 28.57 -4.57 -25.33
C VAL B 466 28.42 -3.41 -26.27
N THR B 467 28.14 -3.70 -27.54
CA THR B 467 27.98 -2.67 -28.56
C THR B 467 26.85 -1.73 -28.17
N ASP B 468 26.20 -1.19 -29.19
CA ASP B 468 25.07 -0.31 -28.99
C ASP B 468 23.93 -1.09 -29.66
N THR B 469 24.31 -1.84 -30.68
CA THR B 469 23.39 -2.68 -31.43
C THR B 469 23.40 -4.00 -30.71
N GLN B 470 24.41 -4.19 -29.86
CA GLN B 470 24.57 -5.41 -29.08
C GLN B 470 23.54 -5.38 -27.96
N LYS B 471 23.56 -4.28 -27.21
CA LYS B 471 22.66 -4.05 -26.10
C LYS B 471 21.23 -3.98 -26.61
N ALA B 472 21.07 -3.86 -27.92
CA ALA B 472 19.76 -3.80 -28.53
C ALA B 472 19.21 -5.20 -28.72
N ASN B 473 20.11 -6.15 -28.95
CA ASN B 473 19.73 -7.55 -29.16
C ASN B 473 19.55 -8.29 -27.85
N ILE B 474 20.24 -7.83 -26.80
CA ILE B 474 20.11 -8.45 -25.48
C ILE B 474 18.71 -8.05 -25.00
N GLN B 475 18.29 -6.84 -25.35
CA GLN B 475 16.98 -6.35 -24.97
C GLN B 475 15.90 -7.15 -25.70
N LYS B 476 15.99 -7.21 -27.02
CA LYS B 476 15.01 -7.94 -27.80
C LYS B 476 14.88 -9.40 -27.37
N LEU B 477 15.91 -9.95 -26.75
CA LEU B 477 15.88 -11.33 -26.30
C LEU B 477 15.18 -11.43 -24.95
N ILE B 478 15.50 -10.50 -24.06
CA ILE B 478 14.89 -10.49 -22.75
C ILE B 478 13.40 -10.27 -22.91
N SER B 479 13.02 -9.27 -23.71
CA SER B 479 11.60 -9.01 -23.94
C SER B 479 10.99 -10.28 -24.49
N GLU B 480 11.79 -11.03 -25.24
CA GLU B 480 11.35 -12.27 -25.86
C GLU B 480 11.11 -13.38 -24.84
N LEU B 481 12.14 -13.72 -24.06
CA LEU B 481 11.97 -14.76 -23.06
C LEU B 481 11.21 -14.22 -21.84
N GLU B 482 10.86 -12.94 -21.86
CA GLU B 482 10.15 -12.34 -20.75
C GLU B 482 8.66 -12.59 -20.93
N GLU B 483 8.29 -13.16 -22.08
CA GLU B 483 6.90 -13.48 -22.36
C GLU B 483 6.50 -14.74 -21.61
N TYR B 484 7.51 -15.52 -21.24
CA TYR B 484 7.31 -16.76 -20.53
C TYR B 484 7.02 -16.57 -19.05
N ILE B 485 6.97 -15.32 -18.60
CA ILE B 485 6.70 -15.04 -17.19
C ILE B 485 5.86 -13.80 -17.01
N LYS B 486 5.82 -12.96 -18.03
CA LYS B 486 5.05 -11.72 -17.96
C LYS B 486 3.58 -12.04 -18.06
N ASN B 487 3.27 -13.26 -18.47
CA ASN B 487 1.88 -13.71 -18.58
C ASN B 487 1.08 -12.89 -19.59
C1 GLC C . -15.57 -5.35 6.28
C2 GLC C . -14.34 -6.16 6.71
C3 GLC C . -13.09 -5.55 6.11
C4 GLC C . -13.25 -5.56 4.59
C5 GLC C . -14.49 -4.73 4.23
C6 GLC C . -14.76 -4.68 2.74
O1 GLC C . -15.46 -4.05 6.72
O2 GLC C . -14.21 -6.19 8.13
O3 GLC C . -11.96 -6.30 6.51
O4 GLC C . -12.08 -5.04 3.97
O5 GLC C . -15.66 -5.30 4.85
O6 GLC C . -16.03 -4.11 2.45
C1 GLC D . -16.08 -0.35 10.39
C2 GLC D . -16.22 -1.67 11.17
C3 GLC D . -15.33 -2.76 10.58
C4 GLC D . -15.52 -2.87 9.07
C5 GLC D . -15.44 -1.51 8.38
C6 GLC D . -15.88 -1.63 6.93
O1 GLC D . -14.79 0.16 10.54
O2 GLC D . -15.89 -1.48 12.54
O3 GLC D . -15.67 -4.00 11.18
O4 GLC D . -14.51 -3.71 8.56
O5 GLC D . -16.34 -0.55 8.99
O6 GLC D . -15.67 -0.41 6.20
C1 GLC E . 9.64 12.41 -4.24
C2 GLC E . 9.87 11.41 -5.36
C3 GLC E . 9.20 10.09 -4.99
C4 GLC E . 9.69 9.62 -3.60
C5 GLC E . 9.58 10.74 -2.56
C6 GLC E . 10.21 10.42 -1.23
O1 GLC E . 8.30 12.46 -3.99
O2 GLC E . 9.30 11.90 -6.58
O3 GLC E . 9.53 9.11 -5.98
O4 GLC E . 8.91 8.52 -3.16
O5 GLC E . 10.24 11.93 -3.04
O6 GLC E . 10.35 11.58 -0.44
C1 GLC F . 4.69 16.00 -4.41
C2 GLC F . 5.58 16.45 -5.57
C3 GLC F . 6.37 15.25 -6.06
C4 GLC F . 7.17 14.66 -4.94
C5 GLC F . 6.25 14.33 -3.71
C6 GLC F . 6.99 13.90 -2.44
O1 GLC F . 3.87 14.98 -4.84
O2 GLC F . 4.77 16.93 -6.64
O3 GLC F . 7.26 15.62 -7.11
O4 GLC F . 7.74 13.49 -5.47
O5 GLC F . 5.48 15.49 -3.34
O6 GLC F . 6.11 13.37 -1.47
#